data_9JLK
#
_entry.id   9JLK
#
_cell.length_a   89.708
_cell.length_b   89.708
_cell.length_c   203.747
_cell.angle_alpha   90.00
_cell.angle_beta   90.00
_cell.angle_gamma   90.00
#
_symmetry.space_group_name_H-M   'P 41 21 2'
#
loop_
_entity.id
_entity.type
_entity.pdbx_description
1 polymer 'NADP-dependent oxidoreductase'
2 water water
#
_entity_poly.entity_id   1
_entity_poly.type   'polypeptide(L)'
_entity_poly.pdbx_seq_one_letter_code
;LGSMKTERWVVREHVEGVPDAARIYEKVETELNTRLGEEQMLLKTLYVSVDPYLQGICLDTPIGDHMGADSIMQVLDAGP
NAPFRPGDLVQGFGGWRTHLVSDGKPKLWQTGTFPMVFPAYRKLDLRHYDDALPLSTALGVMGGPGMTAWGTMTKFMQVR
PGDTVVVSGASGMIGTLVGQMAKRAGARVVGTAGSAGKARYLSQLGFDAVIDYKLADDADKMREALREAAPDGVDKYFDS
IGGSVTDAVFSMLNVGSQVAVCWQWATQVQRDYHGPRLLPYIMFPRATIRGIFSLEWFTEQNWSALHEELGGLVRRQELV
AHETVQDGFEHIPAAYQTLFSASESNRGKVLVRV
;
_entity_poly.pdbx_strand_id   A,B
#
# COMPACT_ATOMS: atom_id res chain seq x y z
N LEU A 1 -32.82 -25.60 -33.82
CA LEU A 1 -32.52 -25.33 -35.22
C LEU A 1 -31.04 -25.58 -35.57
N GLY A 2 -30.23 -26.07 -34.63
CA GLY A 2 -28.85 -26.33 -35.02
C GLY A 2 -27.78 -26.61 -33.98
N SER A 3 -26.72 -27.27 -34.45
CA SER A 3 -25.50 -27.44 -33.67
C SER A 3 -24.32 -27.45 -34.64
N MET A 4 -23.14 -27.23 -34.06
CA MET A 4 -21.90 -27.28 -34.82
C MET A 4 -20.81 -27.87 -33.95
N LYS A 5 -19.87 -28.59 -34.55
CA LYS A 5 -18.73 -29.13 -33.83
C LYS A 5 -17.71 -28.01 -33.64
N THR A 6 -17.10 -27.99 -32.46
CA THR A 6 -16.10 -26.98 -32.13
C THR A 6 -14.96 -27.67 -31.41
N GLU A 7 -13.89 -26.93 -31.22
CA GLU A 7 -12.80 -27.45 -30.44
C GLU A 7 -12.53 -26.51 -29.28
N ARG A 8 -12.12 -27.11 -28.18
CA ARG A 8 -11.87 -26.45 -26.91
C ARG A 8 -10.61 -27.05 -26.31
N TRP A 9 -9.76 -26.20 -25.76
CA TRP A 9 -8.73 -26.63 -24.84
C TRP A 9 -9.32 -26.57 -23.44
N VAL A 10 -9.43 -27.71 -22.76
CA VAL A 10 -10.02 -27.74 -21.43
C VAL A 10 -8.95 -28.05 -20.37
N VAL A 11 -9.26 -27.70 -19.13
CA VAL A 11 -8.37 -27.95 -18.01
C VAL A 11 -8.53 -29.41 -17.59
N ARG A 12 -7.47 -30.19 -17.75
CA ARG A 12 -7.50 -31.60 -17.38
C ARG A 12 -6.92 -31.84 -16.00
N GLU A 13 -5.89 -31.09 -15.65
CA GLU A 13 -5.21 -31.30 -14.37
C GLU A 13 -4.67 -30.01 -13.79
N HIS A 14 -4.93 -29.77 -12.49
CA HIS A 14 -4.38 -28.62 -11.78
C HIS A 14 -2.97 -28.96 -11.32
N VAL A 15 -2.02 -28.14 -11.76
CA VAL A 15 -0.59 -28.33 -11.50
C VAL A 15 -0.04 -27.01 -10.96
N GLU A 16 0.49 -27.03 -9.74
CA GLU A 16 0.99 -25.79 -9.14
C GLU A 16 2.35 -25.41 -9.71
N GLY A 17 2.78 -24.19 -9.41
CA GLY A 17 4.07 -23.72 -9.90
C GLY A 17 4.09 -23.48 -11.40
N VAL A 18 5.26 -23.66 -12.00
CA VAL A 18 5.44 -23.45 -13.44
C VAL A 18 4.59 -24.46 -14.19
N PRO A 19 3.72 -24.01 -15.08
CA PRO A 19 2.86 -24.95 -15.81
C PRO A 19 3.66 -25.88 -16.71
N ASP A 20 3.25 -27.15 -16.72
CA ASP A 20 3.51 -28.07 -17.84
C ASP A 20 2.22 -28.12 -18.69
N ALA A 21 2.18 -27.32 -19.76
CA ALA A 21 0.93 -27.12 -20.50
C ALA A 21 0.45 -28.42 -21.15
N ALA A 22 1.38 -29.23 -21.66
CA ALA A 22 1.00 -30.49 -22.29
C ALA A 22 0.30 -31.44 -21.33
N ARG A 23 0.52 -31.29 -20.03
CA ARG A 23 -0.14 -32.11 -19.02
C ARG A 23 -1.43 -31.48 -18.50
N ILE A 24 -1.49 -30.15 -18.49
CA ILE A 24 -2.60 -29.41 -17.90
C ILE A 24 -3.79 -29.34 -18.85
N TYR A 25 -3.55 -29.34 -20.15
CA TYR A 25 -4.57 -29.01 -21.13
C TYR A 25 -4.80 -30.18 -22.07
N GLU A 26 -6.05 -30.35 -22.47
CA GLU A 26 -6.47 -31.37 -23.42
C GLU A 26 -7.39 -30.74 -24.45
N LYS A 27 -7.16 -31.03 -25.74
CA LYS A 27 -8.03 -30.51 -26.78
C LYS A 27 -9.17 -31.48 -27.00
N VAL A 28 -10.41 -30.98 -26.94
CA VAL A 28 -11.56 -31.84 -27.13
C VAL A 28 -12.45 -31.27 -28.22
N GLU A 29 -13.29 -32.17 -28.74
CA GLU A 29 -14.28 -31.76 -29.71
C GLU A 29 -15.55 -31.60 -28.93
N THR A 30 -16.25 -30.52 -29.17
CA THR A 30 -17.43 -30.17 -28.38
C THR A 30 -18.54 -29.72 -29.32
N GLU A 31 -19.71 -30.33 -29.19
CA GLU A 31 -20.87 -29.94 -29.98
C GLU A 31 -21.48 -28.69 -29.36
N LEU A 32 -21.48 -27.60 -30.12
CA LEU A 32 -22.01 -26.34 -29.65
C LEU A 32 -23.43 -26.17 -30.17
N ASN A 33 -24.36 -25.96 -29.25
CA ASN A 33 -25.72 -25.61 -29.60
C ASN A 33 -25.75 -24.20 -30.18
N THR A 34 -26.33 -24.04 -31.39
CA THR A 34 -26.28 -22.76 -32.09
C THR A 34 -27.59 -21.98 -32.04
N ARG A 35 -28.64 -22.51 -31.41
CA ARG A 35 -29.88 -21.75 -31.29
C ARG A 35 -29.69 -20.66 -30.23
N LEU A 36 -29.86 -19.40 -30.63
CA LEU A 36 -29.48 -18.29 -29.78
C LEU A 36 -30.68 -17.81 -28.95
N GLY A 37 -30.44 -17.58 -27.67
CA GLY A 37 -31.39 -16.84 -26.88
C GLY A 37 -31.53 -15.42 -27.39
N GLU A 38 -32.36 -14.64 -26.74
CA GLU A 38 -32.61 -13.30 -27.19
C GLU A 38 -31.39 -12.43 -27.28
N GLU A 39 -30.61 -12.40 -26.21
CA GLU A 39 -29.46 -11.49 -26.22
C GLU A 39 -28.16 -12.20 -26.62
N GLN A 40 -28.23 -13.44 -27.07
CA GLN A 40 -27.04 -14.24 -27.27
C GLN A 40 -26.48 -14.05 -28.67
N MET A 41 -25.17 -14.31 -28.80
CA MET A 41 -24.58 -14.38 -30.12
C MET A 41 -23.62 -15.55 -30.23
N LEU A 42 -23.40 -15.97 -31.48
CA LEU A 42 -22.49 -17.05 -31.83
C LEU A 42 -21.22 -16.40 -32.35
N LEU A 43 -20.10 -16.72 -31.72
CA LEU A 43 -18.87 -16.03 -32.03
C LEU A 43 -17.84 -17.00 -32.53
N LYS A 44 -17.00 -16.50 -33.43
CA LYS A 44 -15.87 -17.24 -33.98
C LYS A 44 -14.59 -16.61 -33.44
N THR A 45 -13.71 -17.43 -32.88
CA THR A 45 -12.47 -16.89 -32.34
C THR A 45 -11.48 -16.64 -33.47
N LEU A 46 -10.87 -15.45 -33.48
CA LEU A 46 -9.87 -15.10 -34.49
C LEU A 46 -8.45 -15.08 -33.94
N TYR A 47 -8.26 -14.54 -32.73
CA TYR A 47 -7.00 -14.53 -31.99
C TYR A 47 -7.29 -14.83 -30.53
N VAL A 48 -6.43 -15.63 -29.89
CA VAL A 48 -6.44 -15.76 -28.44
C VAL A 48 -5.13 -15.25 -27.90
N SER A 49 -5.20 -14.73 -26.69
CA SER A 49 -4.04 -14.32 -25.92
C SER A 49 -3.56 -15.48 -25.04
N VAL A 50 -2.25 -15.55 -24.82
CA VAL A 50 -1.68 -16.36 -23.74
C VAL A 50 -0.86 -15.43 -22.84
N ASP A 51 -1.07 -15.55 -21.52
CA ASP A 51 -0.49 -14.62 -20.56
C ASP A 51 -0.10 -15.39 -19.30
N PRO A 52 0.98 -14.97 -18.63
CA PRO A 52 1.33 -15.60 -17.35
C PRO A 52 0.20 -15.59 -16.32
N TYR A 53 -0.66 -14.57 -16.28
CA TYR A 53 -1.74 -14.65 -15.28
C TYR A 53 -2.72 -15.78 -15.55
N LEU A 54 -2.67 -16.43 -16.72
CA LEU A 54 -3.54 -17.57 -16.91
C LEU A 54 -3.16 -18.72 -15.98
N GLN A 55 -1.92 -18.74 -15.49
CA GLN A 55 -1.51 -19.75 -14.50
C GLN A 55 -2.45 -19.76 -13.30
N GLY A 56 -2.88 -18.59 -12.83
CA GLY A 56 -3.79 -18.55 -11.70
C GLY A 56 -5.25 -18.82 -12.06
N ILE A 57 -5.73 -18.24 -13.17
CA ILE A 57 -7.06 -18.58 -13.66
C ILE A 57 -7.21 -20.09 -13.80
N CYS A 58 -6.19 -20.75 -14.34
CA CYS A 58 -6.27 -22.18 -14.62
C CYS A 58 -6.47 -22.99 -13.33
N LEU A 59 -5.67 -22.69 -12.29
CA LEU A 59 -5.80 -23.35 -10.99
C LEU A 59 -7.17 -23.12 -10.36
N ASP A 60 -7.89 -22.11 -10.80
CA ASP A 60 -9.21 -21.81 -10.28
C ASP A 60 -10.29 -22.23 -11.25
N THR A 61 -9.88 -22.88 -12.33
CA THR A 61 -10.83 -23.33 -13.32
C THR A 61 -11.20 -24.76 -13.07
N PRO A 62 -12.50 -25.01 -12.94
CA PRO A 62 -12.97 -26.35 -12.72
C PRO A 62 -12.48 -27.33 -13.77
N ILE A 63 -12.03 -28.48 -13.32
CA ILE A 63 -11.55 -29.50 -14.23
C ILE A 63 -12.62 -29.88 -15.24
N GLY A 64 -12.28 -29.84 -16.51
CA GLY A 64 -13.23 -30.13 -17.55
C GLY A 64 -13.72 -28.89 -18.26
N ASP A 65 -13.55 -27.75 -17.62
CA ASP A 65 -13.96 -26.48 -18.24
C ASP A 65 -12.89 -25.98 -19.20
N HIS A 66 -13.33 -25.25 -20.22
CA HIS A 66 -12.40 -24.60 -21.14
C HIS A 66 -11.51 -23.61 -20.39
N MET A 67 -10.32 -23.39 -20.95
CA MET A 67 -9.39 -22.42 -20.41
C MET A 67 -9.82 -21.02 -20.85
N GLY A 68 -10.12 -20.15 -19.89
CA GLY A 68 -10.46 -18.79 -20.22
C GLY A 68 -9.24 -18.01 -20.65
N ALA A 69 -9.46 -17.00 -21.51
CA ALA A 69 -8.40 -16.13 -21.98
C ALA A 69 -9.03 -14.96 -22.72
N ASP A 70 -8.22 -13.91 -22.88
CA ASP A 70 -8.57 -12.77 -23.71
C ASP A 70 -8.55 -13.15 -25.19
N SER A 71 -9.55 -12.72 -25.94
CA SER A 71 -9.59 -13.13 -27.34
C SER A 71 -10.27 -12.07 -28.21
N ILE A 72 -10.04 -12.20 -29.50
CA ILE A 72 -10.73 -11.42 -30.52
C ILE A 72 -11.66 -12.36 -31.26
N MET A 73 -12.94 -11.99 -31.32
CA MET A 73 -13.94 -12.85 -31.93
C MET A 73 -14.71 -12.10 -33.00
N GLN A 74 -15.30 -12.86 -33.91
CA GLN A 74 -16.17 -12.33 -34.95
C GLN A 74 -17.58 -12.86 -34.75
N VAL A 75 -18.55 -11.97 -34.71
CA VAL A 75 -19.95 -12.36 -34.54
C VAL A 75 -20.38 -13.10 -35.81
N LEU A 76 -20.71 -14.39 -35.68
CA LEU A 76 -21.28 -15.09 -36.83
C LEU A 76 -22.79 -14.87 -36.89
N ASP A 77 -23.48 -14.94 -35.74
CA ASP A 77 -24.91 -14.76 -35.69
C ASP A 77 -25.30 -14.09 -34.38
N ALA A 78 -26.53 -13.61 -34.30
CA ALA A 78 -26.96 -12.83 -33.14
C ALA A 78 -28.47 -12.85 -32.99
N GLY A 79 -28.93 -13.29 -31.83
CA GLY A 79 -30.32 -13.17 -31.45
C GLY A 79 -30.81 -11.73 -31.48
N PRO A 80 -32.11 -11.54 -31.25
CA PRO A 80 -32.74 -10.22 -31.50
C PRO A 80 -32.24 -9.09 -30.60
N ASN A 81 -31.84 -9.38 -29.36
CA ASN A 81 -31.41 -8.32 -28.44
C ASN A 81 -29.91 -8.35 -28.17
N ALA A 82 -29.13 -8.81 -29.15
CA ALA A 82 -27.68 -8.90 -28.96
C ALA A 82 -27.06 -7.51 -29.00
N PRO A 83 -25.95 -7.29 -28.28
CA PRO A 83 -25.29 -5.98 -28.36
C PRO A 83 -24.56 -5.73 -29.66
N PHE A 84 -24.28 -6.77 -30.43
CA PHE A 84 -23.52 -6.67 -31.67
C PHE A 84 -24.22 -7.53 -32.71
N ARG A 85 -23.95 -7.23 -33.98
CA ARG A 85 -24.60 -7.88 -35.10
C ARG A 85 -23.55 -8.64 -35.91
N PRO A 86 -23.98 -9.61 -36.72
CA PRO A 86 -23.04 -10.39 -37.54
C PRO A 86 -22.01 -9.52 -38.25
N GLY A 87 -20.77 -10.03 -38.32
CA GLY A 87 -19.67 -9.34 -38.92
C GLY A 87 -18.92 -8.40 -37.99
N ASP A 88 -19.52 -8.00 -36.86
CA ASP A 88 -18.79 -7.20 -35.88
C ASP A 88 -17.62 -7.99 -35.31
N LEU A 89 -16.48 -7.31 -35.16
CA LEU A 89 -15.35 -7.87 -34.44
C LEU A 89 -15.43 -7.38 -33.00
N VAL A 90 -15.23 -8.29 -32.04
CA VAL A 90 -15.31 -7.93 -30.64
C VAL A 90 -14.13 -8.55 -29.89
N GLN A 91 -13.77 -7.88 -28.78
CA GLN A 91 -12.75 -8.32 -27.85
C GLN A 91 -13.43 -8.62 -26.51
N GLY A 92 -13.26 -9.85 -26.02
CA GLY A 92 -13.73 -10.23 -24.70
C GLY A 92 -13.01 -11.46 -24.20
N PHE A 93 -13.45 -11.96 -23.04
CA PHE A 93 -12.76 -13.10 -22.42
C PHE A 93 -13.37 -14.42 -22.94
N GLY A 94 -13.17 -14.66 -24.24
CA GLY A 94 -13.81 -15.79 -24.88
C GLY A 94 -13.13 -17.13 -24.64
N GLY A 95 -11.82 -17.14 -24.36
CA GLY A 95 -11.13 -18.37 -24.02
C GLY A 95 -10.56 -19.13 -25.21
N TRP A 96 -9.98 -20.30 -24.87
CA TRP A 96 -9.32 -21.19 -25.83
C TRP A 96 -10.35 -22.14 -26.45
N ARG A 97 -11.19 -21.56 -27.31
CA ARG A 97 -12.26 -22.26 -27.98
C ARG A 97 -12.36 -21.71 -29.39
N THR A 98 -12.63 -22.58 -30.37
CA THR A 98 -12.79 -22.06 -31.71
C THR A 98 -14.10 -21.29 -31.88
N HIS A 99 -15.16 -21.69 -31.18
CA HIS A 99 -16.46 -21.04 -31.27
C HIS A 99 -17.15 -21.06 -29.92
N LEU A 100 -18.06 -20.12 -29.72
CA LEU A 100 -18.75 -20.08 -28.43
C LEU A 100 -20.03 -19.27 -28.58
N VAL A 101 -20.95 -19.48 -27.65
CA VAL A 101 -22.18 -18.71 -27.56
C VAL A 101 -22.11 -17.87 -26.30
N SER A 102 -22.35 -16.58 -26.45
CA SER A 102 -22.29 -15.69 -25.31
C SER A 102 -23.21 -14.50 -25.54
N ASP A 103 -23.72 -13.91 -24.46
CA ASP A 103 -24.46 -12.67 -24.57
C ASP A 103 -23.57 -11.44 -24.39
N GLY A 104 -22.29 -11.63 -24.05
CA GLY A 104 -21.36 -10.53 -23.93
C GLY A 104 -21.42 -9.75 -22.64
N LYS A 105 -22.39 -10.00 -21.77
CA LYS A 105 -22.52 -9.21 -20.56
C LYS A 105 -21.36 -9.47 -19.60
N PRO A 106 -21.13 -8.56 -18.65
CA PRO A 106 -20.19 -8.85 -17.56
C PRO A 106 -20.60 -10.15 -16.87
N LYS A 107 -19.61 -10.88 -16.37
CA LYS A 107 -19.89 -12.22 -15.86
C LYS A 107 -19.00 -12.49 -14.65
N LEU A 108 -19.63 -12.91 -13.56
CA LEU A 108 -18.88 -13.17 -12.33
C LEU A 108 -18.04 -14.43 -12.51
N TRP A 109 -16.76 -14.33 -12.16
CA TRP A 109 -15.83 -15.46 -12.08
C TRP A 109 -16.09 -16.15 -10.75
N GLN A 110 -17.01 -17.12 -10.79
CA GLN A 110 -17.57 -17.68 -9.56
C GLN A 110 -16.51 -18.44 -8.75
N THR A 111 -15.73 -19.28 -9.41
CA THR A 111 -14.74 -20.13 -8.76
C THR A 111 -13.42 -19.39 -8.47
N GLY A 112 -13.33 -18.09 -8.74
CA GLY A 112 -12.10 -17.37 -8.48
C GLY A 112 -11.81 -17.20 -6.99
N THR A 113 -10.52 -17.13 -6.65
CA THR A 113 -10.13 -16.79 -5.28
C THR A 113 -10.74 -15.46 -4.86
N PHE A 114 -10.84 -14.51 -5.81
CA PHE A 114 -11.52 -13.23 -5.65
C PHE A 114 -12.69 -13.17 -6.62
N PRO A 115 -13.89 -12.73 -6.18
CA PRO A 115 -15.07 -12.82 -7.04
C PRO A 115 -15.03 -11.79 -8.16
N MET A 116 -14.24 -12.06 -9.20
CA MET A 116 -14.04 -11.14 -10.31
C MET A 116 -15.22 -11.19 -11.29
N VAL A 117 -15.53 -10.05 -11.91
CA VAL A 117 -16.50 -10.00 -12.99
C VAL A 117 -15.77 -9.58 -14.26
N PHE A 118 -15.61 -10.53 -15.20
CA PHE A 118 -15.06 -10.20 -16.50
C PHE A 118 -15.88 -9.09 -17.16
N PRO A 119 -15.23 -8.21 -17.91
CA PRO A 119 -15.96 -7.06 -18.48
C PRO A 119 -16.84 -7.49 -19.65
N ALA A 120 -17.84 -6.66 -19.93
CA ALA A 120 -18.64 -6.87 -21.14
C ALA A 120 -17.74 -6.81 -22.35
N TYR A 121 -18.07 -7.61 -23.37
CA TYR A 121 -17.34 -7.56 -24.63
C TYR A 121 -17.40 -6.15 -25.21
N ARG A 122 -16.34 -5.77 -25.88
CA ARG A 122 -16.26 -4.46 -26.48
C ARG A 122 -16.10 -4.60 -27.99
N LYS A 123 -16.56 -3.59 -28.73
CA LYS A 123 -16.50 -3.65 -30.17
C LYS A 123 -15.18 -3.10 -30.66
N LEU A 124 -14.53 -3.82 -31.56
CA LEU A 124 -13.37 -3.29 -32.26
C LEU A 124 -13.83 -2.52 -33.52
N ASP A 125 -13.19 -1.38 -33.75
CA ASP A 125 -13.40 -0.54 -34.94
C ASP A 125 -12.18 -0.70 -35.85
N LEU A 126 -12.38 -1.35 -37.00
CA LEU A 126 -11.27 -1.71 -37.89
C LEU A 126 -10.53 -0.52 -38.49
N ARG A 127 -11.12 0.68 -38.44
CA ARG A 127 -10.42 1.86 -38.93
C ARG A 127 -9.19 2.18 -38.10
N HIS A 128 -9.13 1.72 -36.84
CA HIS A 128 -7.97 1.95 -36.01
C HIS A 128 -6.76 1.13 -36.45
N TYR A 129 -6.94 0.11 -37.28
CA TYR A 129 -5.88 -0.87 -37.50
C TYR A 129 -5.43 -0.86 -38.97
N ASP A 130 -4.14 -1.09 -39.14
CA ASP A 130 -3.48 -1.21 -40.44
C ASP A 130 -2.15 -1.93 -40.23
N ASP A 131 -1.24 -1.84 -41.20
CA ASP A 131 -0.05 -2.68 -41.17
C ASP A 131 0.92 -2.28 -40.07
N ALA A 132 0.95 -1.01 -39.65
CA ALA A 132 1.83 -0.63 -38.54
C ALA A 132 1.18 -0.85 -37.18
N LEU A 133 -0.14 -1.09 -37.14
CA LEU A 133 -0.86 -1.34 -35.89
C LEU A 133 -1.99 -2.31 -36.17
N PRO A 134 -1.65 -3.59 -36.36
CA PRO A 134 -2.64 -4.56 -36.84
C PRO A 134 -3.72 -4.86 -35.81
N LEU A 135 -4.71 -5.63 -36.25
CA LEU A 135 -5.85 -5.95 -35.38
C LEU A 135 -5.40 -6.68 -34.11
N SER A 136 -4.36 -7.49 -34.20
CA SER A 136 -3.89 -8.24 -33.04
C SER A 136 -3.44 -7.32 -31.90
N THR A 137 -3.11 -6.06 -32.17
CA THR A 137 -2.77 -5.15 -31.08
C THR A 137 -3.95 -4.93 -30.13
N ALA A 138 -5.17 -5.30 -30.52
CA ALA A 138 -6.32 -5.24 -29.61
C ALA A 138 -6.22 -6.27 -28.47
N LEU A 139 -5.28 -7.21 -28.52
CA LEU A 139 -4.94 -8.06 -27.38
C LEU A 139 -3.63 -7.64 -26.71
N GLY A 140 -3.05 -6.53 -27.13
CA GLY A 140 -1.75 -6.10 -26.67
C GLY A 140 -1.71 -4.62 -26.36
N VAL A 141 -0.92 -3.85 -27.11
CA VAL A 141 -0.76 -2.45 -26.78
C VAL A 141 -2.07 -1.65 -26.95
N MET A 142 -2.99 -2.10 -27.80
CA MET A 142 -4.32 -1.51 -27.85
C MET A 142 -5.35 -2.31 -27.06
N GLY A 143 -4.94 -3.28 -26.24
CA GLY A 143 -5.90 -3.99 -25.42
C GLY A 143 -5.56 -3.97 -23.95
N GLY A 144 -5.75 -5.11 -23.29
CA GLY A 144 -5.56 -5.24 -21.87
C GLY A 144 -4.18 -4.80 -21.40
N PRO A 145 -3.12 -5.34 -22.03
CA PRO A 145 -1.76 -4.93 -21.62
C PRO A 145 -1.54 -3.43 -21.74
N GLY A 146 -1.90 -2.84 -22.89
CA GLY A 146 -1.72 -1.42 -23.09
C GLY A 146 -2.55 -0.59 -22.12
N MET A 147 -3.78 -1.02 -21.84
CA MET A 147 -4.62 -0.29 -20.90
C MET A 147 -4.04 -0.34 -19.48
N THR A 148 -3.44 -1.47 -19.12
CA THR A 148 -2.79 -1.61 -17.82
C THR A 148 -1.65 -0.60 -17.67
N ALA A 149 -0.76 -0.56 -18.67
CA ALA A 149 0.41 0.32 -18.59
C ALA A 149 -0.01 1.79 -18.67
N TRP A 150 -0.83 2.13 -19.66
CA TRP A 150 -1.26 3.51 -19.85
C TRP A 150 -2.14 3.98 -18.70
N GLY A 151 -3.02 3.11 -18.18
CA GLY A 151 -3.83 3.49 -17.03
C GLY A 151 -3.00 3.78 -15.79
N THR A 152 -2.01 2.93 -15.51
CA THR A 152 -1.18 3.13 -14.31
C THR A 152 -0.41 4.44 -14.38
N MET A 153 0.14 4.76 -15.57
CA MET A 153 1.01 5.91 -15.78
C MET A 153 0.26 7.23 -15.93
N THR A 154 -1.05 7.22 -16.20
CA THR A 154 -1.82 8.45 -16.36
C THR A 154 -2.90 8.63 -15.31
N LYS A 155 -3.22 7.59 -14.55
CA LYS A 155 -4.26 7.64 -13.54
C LYS A 155 -3.76 7.40 -12.13
N PHE A 156 -2.54 6.88 -11.95
CA PHE A 156 -1.99 6.68 -10.60
C PHE A 156 -0.59 7.26 -10.48
N MET A 157 0.37 6.70 -11.22
CA MET A 157 1.75 7.15 -11.12
C MET A 157 1.91 8.52 -11.75
N GLN A 158 2.69 9.37 -11.10
CA GLN A 158 2.97 10.72 -11.55
C GLN A 158 4.48 10.82 -11.69
N VAL A 159 5.01 10.34 -12.82
CA VAL A 159 6.45 10.33 -13.04
C VAL A 159 6.91 11.76 -13.31
N ARG A 160 7.97 12.17 -12.61
CA ARG A 160 8.52 13.50 -12.77
C ARG A 160 9.99 13.40 -13.17
N PRO A 161 10.46 14.34 -14.00
CA PRO A 161 11.85 14.30 -14.46
C PRO A 161 12.82 14.25 -13.28
N GLY A 162 13.73 13.29 -13.32
CA GLY A 162 14.61 13.04 -12.20
C GLY A 162 14.20 11.89 -11.31
N ASP A 163 12.97 11.38 -11.45
CA ASP A 163 12.56 10.22 -10.66
C ASP A 163 13.39 9.02 -11.07
N THR A 164 13.57 8.10 -10.14
CA THR A 164 14.03 6.74 -10.47
C THR A 164 12.85 5.79 -10.42
N VAL A 165 12.63 5.09 -11.54
CA VAL A 165 11.50 4.17 -11.71
C VAL A 165 12.05 2.77 -11.87
N VAL A 166 11.59 1.84 -11.01
CA VAL A 166 11.92 0.43 -11.13
C VAL A 166 10.72 -0.32 -11.70
N VAL A 167 10.99 -1.20 -12.66
CA VAL A 167 9.98 -2.04 -13.25
C VAL A 167 10.45 -3.47 -13.12
N SER A 168 9.81 -4.25 -12.24
CA SER A 168 10.13 -5.67 -12.18
C SER A 168 9.33 -6.45 -13.22
N GLY A 169 9.94 -7.54 -13.71
CA GLY A 169 9.38 -8.28 -14.82
C GLY A 169 9.32 -7.38 -16.03
N ALA A 170 10.43 -6.69 -16.32
CA ALA A 170 10.33 -5.65 -17.33
C ALA A 170 10.27 -6.22 -18.75
N SER A 171 10.63 -7.50 -18.94
CA SER A 171 10.68 -8.08 -20.28
C SER A 171 9.30 -8.22 -20.94
N GLY A 172 8.24 -8.50 -20.17
CA GLY A 172 6.90 -8.59 -20.74
C GLY A 172 6.41 -7.25 -21.27
N MET A 173 5.33 -7.31 -22.05
CA MET A 173 4.87 -6.10 -22.76
C MET A 173 4.44 -5.00 -21.79
N ILE A 174 3.74 -5.36 -20.71
CA ILE A 174 3.27 -4.32 -19.80
C ILE A 174 4.45 -3.52 -19.23
N GLY A 175 5.50 -4.22 -18.77
CA GLY A 175 6.64 -3.54 -18.18
C GLY A 175 7.52 -2.79 -19.17
N THR A 176 7.62 -3.28 -20.41
CA THR A 176 8.35 -2.52 -21.42
C THR A 176 7.59 -1.25 -21.79
N LEU A 177 6.26 -1.30 -21.84
CA LEU A 177 5.47 -0.08 -22.06
C LEU A 177 5.63 0.90 -20.91
N VAL A 178 5.67 0.38 -19.67
CA VAL A 178 5.83 1.24 -18.50
C VAL A 178 7.21 1.89 -18.49
N GLY A 179 8.28 1.11 -18.70
CA GLY A 179 9.62 1.68 -18.71
C GLY A 179 9.77 2.77 -19.76
N GLN A 180 9.25 2.51 -20.96
CA GLN A 180 9.32 3.48 -22.06
C GLN A 180 8.57 4.76 -21.74
N MET A 181 7.33 4.63 -21.25
CA MET A 181 6.58 5.83 -20.88
C MET A 181 7.28 6.59 -19.77
N ALA A 182 7.85 5.88 -18.80
CA ALA A 182 8.60 6.52 -17.72
C ALA A 182 9.84 7.23 -18.26
N LYS A 183 10.58 6.56 -19.15
CA LYS A 183 11.70 7.21 -19.81
C LYS A 183 11.24 8.48 -20.52
N ARG A 184 10.10 8.42 -21.21
CA ARG A 184 9.58 9.59 -21.92
C ARG A 184 9.21 10.74 -20.99
N ALA A 185 8.94 10.44 -19.72
CA ALA A 185 8.63 11.45 -18.72
C ALA A 185 9.86 11.93 -17.94
N GLY A 186 11.07 11.59 -18.40
CA GLY A 186 12.27 12.10 -17.79
C GLY A 186 12.82 11.27 -16.66
N ALA A 187 12.41 10.02 -16.54
CA ALA A 187 12.84 9.22 -15.41
C ALA A 187 14.02 8.34 -15.82
N ARG A 188 14.89 8.08 -14.86
CA ARG A 188 15.79 6.95 -14.97
C ARG A 188 15.02 5.69 -14.66
N VAL A 189 15.22 4.65 -15.48
CA VAL A 189 14.40 3.44 -15.47
C VAL A 189 15.30 2.23 -15.21
N VAL A 190 14.97 1.47 -14.18
CA VAL A 190 15.67 0.25 -13.79
C VAL A 190 14.72 -0.92 -13.95
N GLY A 191 15.13 -1.93 -14.73
CA GLY A 191 14.31 -3.10 -14.97
C GLY A 191 15.01 -4.36 -14.47
N THR A 192 14.23 -5.43 -14.38
CA THR A 192 14.76 -6.76 -14.12
C THR A 192 14.42 -7.67 -15.29
N ALA A 193 15.25 -8.68 -15.51
CA ALA A 193 15.08 -9.60 -16.64
C ALA A 193 15.76 -10.91 -16.30
N GLY A 194 15.39 -11.96 -17.03
CA GLY A 194 15.83 -13.30 -16.66
C GLY A 194 17.01 -13.85 -17.43
N SER A 195 17.43 -13.19 -18.51
CA SER A 195 18.57 -13.63 -19.28
C SER A 195 19.38 -12.42 -19.73
N ALA A 196 20.54 -12.68 -20.33
CA ALA A 196 21.34 -11.59 -20.87
C ALA A 196 20.73 -11.05 -22.17
N GLY A 197 20.09 -11.91 -22.96
CA GLY A 197 19.34 -11.43 -24.11
C GLY A 197 18.23 -10.48 -23.71
N LYS A 198 17.37 -10.90 -22.76
CA LYS A 198 16.35 -9.99 -22.22
C LYS A 198 17.00 -8.71 -21.71
N ALA A 199 18.07 -8.86 -20.91
CA ALA A 199 18.76 -7.70 -20.38
C ALA A 199 19.20 -6.76 -21.50
N ARG A 200 19.72 -7.31 -22.60
CA ARG A 200 20.20 -6.48 -23.71
C ARG A 200 19.03 -5.82 -24.44
N TYR A 201 17.93 -6.55 -24.60
CA TYR A 201 16.72 -6.01 -25.22
C TYR A 201 16.20 -4.80 -24.44
N LEU A 202 16.10 -4.92 -23.11
CA LEU A 202 15.59 -3.81 -22.31
C LEU A 202 16.44 -2.55 -22.47
N SER A 203 17.78 -2.70 -22.43
CA SER A 203 18.63 -1.50 -22.52
C SER A 203 18.53 -0.87 -23.89
N GLN A 204 18.46 -1.67 -24.96
CA GLN A 204 18.18 -1.08 -26.27
C GLN A 204 16.79 -0.47 -26.34
N LEU A 205 15.93 -0.74 -25.36
CA LEU A 205 14.65 -0.07 -25.28
C LEU A 205 14.68 1.20 -24.45
N GLY A 206 15.80 1.50 -23.79
CA GLY A 206 15.92 2.71 -23.00
C GLY A 206 16.01 2.49 -21.50
N PHE A 207 16.01 1.25 -21.04
CA PHE A 207 16.24 0.98 -19.63
C PHE A 207 17.69 1.30 -19.28
N ASP A 208 17.89 2.06 -18.21
CA ASP A 208 19.24 2.51 -17.83
C ASP A 208 20.04 1.41 -17.13
N ALA A 209 19.38 0.58 -16.33
CA ALA A 209 20.03 -0.57 -15.74
C ALA A 209 19.07 -1.76 -15.81
N VAL A 210 19.64 -2.96 -15.89
CA VAL A 210 18.85 -4.18 -15.91
C VAL A 210 19.52 -5.18 -14.96
N ILE A 211 18.86 -5.47 -13.85
CA ILE A 211 19.33 -6.47 -12.89
C ILE A 211 18.85 -7.84 -13.34
N ASP A 212 19.76 -8.81 -13.37
CA ASP A 212 19.39 -10.18 -13.67
C ASP A 212 18.80 -10.80 -12.41
N TYR A 213 17.52 -11.12 -12.46
CA TYR A 213 16.87 -11.62 -11.27
C TYR A 213 17.28 -13.03 -10.97
N LYS A 214 18.35 -13.46 -11.59
CA LYS A 214 18.86 -14.76 -11.25
C LYS A 214 19.47 -14.61 -9.89
N LEU A 215 19.80 -13.38 -9.51
CA LEU A 215 20.43 -13.12 -8.23
C LEU A 215 19.46 -13.17 -7.09
N ALA A 216 18.18 -13.31 -7.43
CA ALA A 216 17.15 -13.32 -6.41
C ALA A 216 17.45 -14.33 -5.36
N ASP A 217 18.45 -15.16 -5.63
CA ASP A 217 18.83 -16.16 -4.68
C ASP A 217 19.17 -15.49 -3.38
N ASP A 218 19.77 -14.32 -3.47
CA ASP A 218 20.12 -13.60 -2.28
C ASP A 218 19.50 -12.23 -2.24
N ALA A 219 18.72 -12.00 -1.22
CA ALA A 219 18.06 -10.72 -1.07
C ALA A 219 19.14 -9.67 -0.96
N ASP A 220 20.17 -9.97 -0.19
CA ASP A 220 21.24 -9.02 -0.03
C ASP A 220 21.92 -8.75 -1.36
N LYS A 221 22.07 -9.77 -2.18
CA LYS A 221 22.64 -9.54 -3.50
C LYS A 221 21.71 -8.66 -4.29
N MET A 222 20.45 -9.03 -4.32
CA MET A 222 19.47 -8.25 -5.05
C MET A 222 19.43 -6.81 -4.56
N ARG A 223 19.48 -6.61 -3.24
CA ARG A 223 19.43 -5.25 -2.72
C ARG A 223 20.67 -4.46 -3.12
N GLU A 224 21.81 -5.13 -3.13
CA GLU A 224 23.02 -4.46 -3.51
C GLU A 224 22.91 -4.03 -4.93
N ALA A 225 22.48 -4.94 -5.77
CA ALA A 225 22.33 -4.63 -7.18
C ALA A 225 21.42 -3.46 -7.39
N LEU A 226 20.36 -3.39 -6.60
CA LEU A 226 19.40 -2.31 -6.76
C LEU A 226 19.93 -1.00 -6.24
N ARG A 227 20.67 -1.06 -5.15
CA ARG A 227 21.24 0.14 -4.62
C ARG A 227 22.21 0.73 -5.63
N GLU A 228 23.00 -0.11 -6.27
CA GLU A 228 23.90 0.38 -7.29
C GLU A 228 23.16 0.87 -8.51
N ALA A 229 22.12 0.14 -8.90
CA ALA A 229 21.36 0.50 -10.07
C ALA A 229 20.54 1.75 -9.82
N ALA A 230 20.12 1.92 -8.59
CA ALA A 230 19.32 3.09 -8.23
C ALA A 230 19.99 3.78 -7.05
N PRO A 231 21.13 4.44 -7.29
CA PRO A 231 21.90 5.02 -6.18
C PRO A 231 21.14 6.11 -5.42
N ASP A 232 20.09 6.71 -5.99
CA ASP A 232 19.33 7.72 -5.28
C ASP A 232 18.02 7.19 -4.69
N GLY A 233 17.86 5.87 -4.58
CA GLY A 233 16.61 5.31 -4.10
C GLY A 233 15.56 5.26 -5.19
N VAL A 234 14.38 4.78 -4.80
CA VAL A 234 13.32 4.44 -5.76
C VAL A 234 12.12 5.34 -5.52
N ASP A 235 11.66 6.01 -6.57
CA ASP A 235 10.47 6.84 -6.47
C ASP A 235 9.21 6.14 -6.98
N LYS A 236 9.31 5.35 -8.04
CA LYS A 236 8.17 4.61 -8.56
C LYS A 236 8.56 3.16 -8.78
N TYR A 237 7.72 2.23 -8.35
CA TYR A 237 7.98 0.81 -8.53
C TYR A 237 6.74 0.21 -9.20
N PHE A 238 6.92 -0.31 -10.42
CA PHE A 238 5.90 -1.11 -11.09
C PHE A 238 6.26 -2.58 -10.90
N ASP A 239 5.43 -3.30 -10.13
CA ASP A 239 5.78 -4.61 -9.59
C ASP A 239 4.93 -5.68 -10.24
N SER A 240 5.58 -6.60 -10.97
CA SER A 240 4.93 -7.82 -11.44
C SER A 240 5.49 -9.09 -10.84
N ILE A 241 6.52 -9.00 -9.99
CA ILE A 241 7.23 -10.18 -9.51
C ILE A 241 6.96 -10.44 -8.04
N GLY A 242 7.09 -9.41 -7.21
CA GLY A 242 7.06 -9.67 -5.77
C GLY A 242 8.34 -10.36 -5.35
N GLY A 243 8.22 -11.26 -4.38
CA GLY A 243 9.36 -12.01 -3.87
C GLY A 243 10.51 -11.11 -3.43
N SER A 244 11.73 -11.63 -3.57
CA SER A 244 12.90 -10.98 -2.99
C SER A 244 13.23 -9.66 -3.67
N VAL A 245 12.81 -9.47 -4.92
CA VAL A 245 13.10 -8.21 -5.62
C VAL A 245 12.25 -7.08 -5.04
N THR A 246 10.98 -7.37 -4.72
CA THR A 246 10.12 -6.35 -4.12
C THR A 246 10.54 -6.04 -2.68
N ASP A 247 10.88 -7.09 -1.90
CA ASP A 247 11.54 -6.90 -0.60
C ASP A 247 12.66 -5.87 -0.69
N ALA A 248 13.57 -6.05 -1.65
CA ALA A 248 14.67 -5.12 -1.83
C ALA A 248 14.17 -3.71 -2.11
N VAL A 249 13.23 -3.57 -3.07
CA VAL A 249 12.76 -2.23 -3.45
C VAL A 249 12.16 -1.51 -2.25
N PHE A 250 11.41 -2.22 -1.42
CA PHE A 250 10.75 -1.55 -0.32
C PHE A 250 11.73 -1.04 0.74
N SER A 251 12.95 -1.59 0.79
CA SER A 251 13.96 -1.08 1.72
C SER A 251 14.61 0.22 1.25
N MET A 252 14.33 0.69 0.03
CA MET A 252 14.98 1.89 -0.47
C MET A 252 13.98 2.85 -1.13
N LEU A 253 12.78 2.94 -0.57
CA LEU A 253 11.75 3.81 -1.14
C LEU A 253 11.98 5.24 -0.66
N ASN A 254 11.84 6.19 -1.58
CA ASN A 254 12.01 7.60 -1.23
C ASN A 254 10.70 8.19 -0.74
N VAL A 255 10.78 9.41 -0.21
CA VAL A 255 9.61 10.09 0.32
C VAL A 255 8.62 10.32 -0.83
N GLY A 256 7.33 10.09 -0.54
CA GLY A 256 6.29 10.25 -1.55
C GLY A 256 6.33 9.27 -2.70
N SER A 257 6.99 8.13 -2.53
CA SER A 257 7.04 7.17 -3.63
C SER A 257 5.67 6.51 -3.86
N GLN A 258 5.55 5.87 -5.03
CA GLN A 258 4.32 5.21 -5.46
C GLN A 258 4.68 3.83 -5.98
N VAL A 259 3.96 2.82 -5.51
CA VAL A 259 4.18 1.42 -5.87
C VAL A 259 2.86 0.92 -6.49
N ALA A 260 2.93 0.45 -7.73
CA ALA A 260 1.80 -0.16 -8.43
C ALA A 260 2.03 -1.67 -8.45
N VAL A 261 1.09 -2.43 -7.88
CA VAL A 261 1.20 -3.88 -7.75
C VAL A 261 0.27 -4.52 -8.77
N CYS A 262 0.87 -5.10 -9.81
CA CYS A 262 0.15 -5.60 -10.97
C CYS A 262 0.03 -7.11 -10.98
N TRP A 263 1.07 -7.79 -10.50
CA TRP A 263 1.06 -9.24 -10.39
C TRP A 263 2.16 -9.60 -9.41
N GLN A 264 2.16 -10.82 -8.94
CA GLN A 264 3.16 -11.28 -7.97
C GLN A 264 3.64 -12.66 -8.43
N TRP A 265 4.45 -12.65 -9.50
CA TRP A 265 5.01 -13.88 -10.06
C TRP A 265 5.60 -14.78 -8.99
N ALA A 266 6.43 -14.22 -8.11
CA ALA A 266 7.16 -15.05 -7.15
C ALA A 266 6.20 -15.76 -6.20
N THR A 267 5.06 -15.16 -5.89
CA THR A 267 4.08 -15.81 -5.02
C THR A 267 3.15 -16.75 -5.79
N GLN A 268 2.61 -16.27 -6.92
CA GLN A 268 1.67 -17.06 -7.71
C GLN A 268 2.35 -18.28 -8.33
N VAL A 269 3.47 -18.07 -9.01
CA VAL A 269 4.16 -19.11 -9.77
C VAL A 269 5.16 -19.87 -8.90
N GLN A 270 6.07 -19.16 -8.21
CA GLN A 270 7.16 -19.80 -7.48
C GLN A 270 6.82 -20.12 -6.03
N ARG A 271 5.58 -19.84 -5.59
CA ARG A 271 5.08 -20.23 -4.27
C ARG A 271 5.86 -19.60 -3.11
N ASP A 272 6.42 -18.39 -3.28
CA ASP A 272 6.95 -17.59 -2.18
C ASP A 272 5.77 -16.99 -1.38
N TYR A 273 5.38 -17.65 -0.29
CA TYR A 273 4.22 -17.27 0.50
C TYR A 273 4.57 -16.55 1.81
N HIS A 274 5.86 -16.49 2.18
CA HIS A 274 6.26 -15.97 3.48
C HIS A 274 7.58 -15.23 3.31
N GLY A 275 7.73 -14.12 4.01
CA GLY A 275 8.87 -13.27 3.80
C GLY A 275 8.89 -12.08 4.74
N PRO A 276 9.87 -11.20 4.57
CA PRO A 276 9.93 -9.98 5.41
C PRO A 276 8.67 -9.15 5.22
N ARG A 277 8.23 -8.52 6.32
CA ARG A 277 7.06 -7.66 6.29
C ARG A 277 7.43 -6.35 5.62
N LEU A 278 6.58 -5.90 4.70
CA LEU A 278 6.92 -4.72 3.91
C LEU A 278 6.24 -3.45 4.41
N LEU A 279 5.10 -3.56 5.11
CA LEU A 279 4.44 -2.35 5.59
C LEU A 279 5.27 -1.51 6.56
N PRO A 280 6.16 -2.05 7.40
CA PRO A 280 7.04 -1.16 8.20
C PRO A 280 7.84 -0.18 7.37
N TYR A 281 8.13 -0.49 6.10
CA TYR A 281 8.96 0.37 5.26
C TYR A 281 8.23 1.53 4.61
N ILE A 282 6.89 1.53 4.56
CA ILE A 282 6.18 2.60 3.85
C ILE A 282 5.82 3.78 4.74
N MET A 283 5.96 3.65 6.06
CA MET A 283 5.58 4.68 7.02
C MET A 283 6.33 5.99 6.84
N PHE A 284 7.64 6.01 7.18
CA PHE A 284 8.39 7.26 7.01
C PHE A 284 8.41 7.78 5.59
N PRO A 285 8.57 6.98 4.54
CA PRO A 285 8.45 7.52 3.17
C PRO A 285 7.06 8.04 2.82
N ARG A 286 6.02 7.75 3.62
CA ARG A 286 4.64 8.07 3.24
C ARG A 286 4.38 7.54 1.83
N ALA A 287 4.82 6.30 1.58
CA ALA A 287 4.65 5.68 0.28
C ALA A 287 3.18 5.29 0.08
N THR A 288 2.77 5.24 -1.19
CA THR A 288 1.42 4.83 -1.60
C THR A 288 1.57 3.57 -2.43
N ILE A 289 0.91 2.50 -1.99
CA ILE A 289 0.86 1.23 -2.72
C ILE A 289 -0.56 1.07 -3.27
N ARG A 290 -0.66 0.77 -4.56
CA ARG A 290 -1.96 0.57 -5.17
C ARG A 290 -1.97 -0.71 -6.00
N GLY A 291 -2.95 -1.56 -5.73
CA GLY A 291 -3.17 -2.71 -6.58
C GLY A 291 -3.77 -2.29 -7.90
N ILE A 292 -3.29 -2.89 -8.96
CA ILE A 292 -3.75 -2.64 -10.30
C ILE A 292 -4.63 -3.81 -10.69
N PHE A 293 -5.79 -3.49 -11.25
CA PHE A 293 -6.67 -4.50 -11.83
C PHE A 293 -7.39 -3.74 -12.94
N SER A 294 -6.81 -3.77 -14.14
CA SER A 294 -7.09 -2.75 -15.14
C SER A 294 -8.46 -2.92 -15.81
N LEU A 295 -9.17 -4.03 -15.52
CA LEU A 295 -10.57 -4.18 -15.93
C LEU A 295 -11.41 -2.98 -15.48
N GLU A 296 -11.10 -2.38 -14.33
CA GLU A 296 -11.81 -1.16 -13.92
C GLU A 296 -11.65 -0.02 -14.91
N TRP A 297 -10.64 -0.04 -15.77
CA TRP A 297 -10.48 1.04 -16.74
C TRP A 297 -11.13 0.76 -18.09
N PHE A 298 -11.78 -0.40 -18.25
CA PHE A 298 -12.41 -0.81 -19.53
C PHE A 298 -13.70 -0.03 -19.72
N THR A 299 -13.55 1.22 -20.20
CA THR A 299 -14.66 2.08 -20.59
C THR A 299 -14.40 2.64 -21.99
N GLU A 300 -15.48 3.01 -22.69
CA GLU A 300 -15.35 3.60 -24.02
C GLU A 300 -14.38 4.78 -24.02
N GLN A 301 -14.54 5.70 -23.07
CA GLN A 301 -13.66 6.88 -23.00
C GLN A 301 -12.20 6.46 -22.88
N ASN A 302 -11.91 5.44 -22.07
CA ASN A 302 -10.53 5.02 -21.93
C ASN A 302 -9.99 4.39 -23.21
N TRP A 303 -10.79 3.55 -23.89
CA TRP A 303 -10.31 2.96 -25.14
C TRP A 303 -10.05 4.02 -26.22
N SER A 304 -10.86 5.09 -26.26
CA SER A 304 -10.57 6.21 -27.17
C SER A 304 -9.27 6.91 -26.78
N ALA A 305 -9.11 7.26 -25.51
CA ALA A 305 -7.88 7.92 -25.11
C ALA A 305 -6.67 7.03 -25.38
N LEU A 306 -6.78 5.74 -25.07
CA LEU A 306 -5.67 4.82 -25.30
C LEU A 306 -5.29 4.79 -26.77
N HIS A 307 -6.29 4.78 -27.67
CA HIS A 307 -5.99 4.72 -29.09
C HIS A 307 -5.35 6.00 -29.59
N GLU A 308 -5.93 7.15 -29.23
CA GLU A 308 -5.32 8.42 -29.66
C GLU A 308 -3.94 8.59 -29.05
N GLU A 309 -3.83 8.49 -27.72
CA GLU A 309 -2.58 8.87 -27.07
C GLU A 309 -1.47 7.86 -27.32
N LEU A 310 -1.80 6.57 -27.32
CA LEU A 310 -0.79 5.52 -27.45
C LEU A 310 -0.64 5.00 -28.86
N GLY A 311 -1.73 4.95 -29.64
CA GLY A 311 -1.63 4.44 -31.00
C GLY A 311 -0.71 5.27 -31.87
N GLY A 312 -0.74 6.60 -31.70
CA GLY A 312 0.17 7.45 -32.45
C GLY A 312 1.62 7.13 -32.14
N LEU A 313 1.96 7.06 -30.85
CA LEU A 313 3.34 6.78 -30.45
C LEU A 313 3.83 5.46 -31.02
N VAL A 314 2.99 4.41 -30.99
CA VAL A 314 3.40 3.13 -31.54
C VAL A 314 3.62 3.25 -33.05
N ARG A 315 2.66 3.85 -33.76
CA ARG A 315 2.73 3.90 -35.22
C ARG A 315 3.93 4.69 -35.72
N ARG A 316 4.26 5.79 -35.03
CA ARG A 316 5.43 6.59 -35.37
C ARG A 316 6.70 6.13 -34.65
N GLN A 317 6.76 4.86 -34.25
CA GLN A 317 7.96 4.25 -33.68
C GLN A 317 8.51 5.01 -32.45
N GLU A 318 7.66 5.78 -31.74
CA GLU A 318 8.06 6.35 -30.47
C GLU A 318 7.91 5.37 -29.32
N LEU A 319 7.05 4.36 -29.47
CA LEU A 319 6.82 3.34 -28.46
C LEU A 319 6.97 1.99 -29.13
N VAL A 320 7.92 1.21 -28.65
CA VAL A 320 8.07 -0.15 -29.13
C VAL A 320 7.04 -1.02 -28.43
N ALA A 321 6.26 -1.77 -29.22
CA ALA A 321 5.18 -2.67 -28.77
C ALA A 321 5.24 -3.95 -29.60
N HIS A 322 6.05 -4.92 -29.16
CA HIS A 322 6.30 -6.14 -29.93
C HIS A 322 5.31 -7.25 -29.63
N GLU A 323 4.94 -7.99 -30.68
CA GLU A 323 4.06 -9.14 -30.58
C GLU A 323 4.70 -10.33 -31.27
N THR A 324 4.53 -11.50 -30.68
CA THR A 324 4.90 -12.77 -31.30
C THR A 324 3.59 -13.52 -31.58
N VAL A 325 3.16 -13.52 -32.84
CA VAL A 325 1.91 -14.16 -33.24
C VAL A 325 2.21 -15.57 -33.74
N GLN A 326 1.80 -16.58 -32.97
CA GLN A 326 1.89 -17.98 -33.32
C GLN A 326 0.63 -18.39 -34.11
N ASP A 327 0.71 -19.52 -34.81
CA ASP A 327 -0.32 -19.93 -35.74
C ASP A 327 -1.00 -21.24 -35.35
N GLY A 328 -2.33 -21.26 -35.39
CA GLY A 328 -3.04 -22.52 -35.25
C GLY A 328 -3.60 -22.84 -33.88
N PHE A 329 -4.89 -23.22 -33.86
CA PHE A 329 -5.58 -23.50 -32.60
C PHE A 329 -4.89 -24.61 -31.82
N GLU A 330 -4.42 -25.65 -32.53
CA GLU A 330 -3.69 -26.77 -31.92
C GLU A 330 -2.39 -26.36 -31.20
N HIS A 331 -1.86 -25.16 -31.45
CA HIS A 331 -0.59 -24.78 -30.86
C HIS A 331 -0.74 -23.78 -29.71
N ILE A 332 -1.97 -23.55 -29.24
CA ILE A 332 -2.17 -22.61 -28.12
C ILE A 332 -1.40 -23.03 -26.86
N PRO A 333 -1.53 -24.25 -26.35
CA PRO A 333 -0.80 -24.58 -25.13
C PRO A 333 0.71 -24.49 -25.29
N ALA A 334 1.25 -24.86 -26.46
CA ALA A 334 2.69 -24.73 -26.67
C ALA A 334 3.12 -23.27 -26.65
N ALA A 335 2.34 -22.37 -27.28
CA ALA A 335 2.69 -20.94 -27.23
C ALA A 335 2.61 -20.42 -25.81
N TYR A 336 1.66 -20.91 -25.02
CA TYR A 336 1.57 -20.53 -23.63
C TYR A 336 2.80 -21.03 -22.84
N GLN A 337 3.30 -22.22 -23.17
CA GLN A 337 4.43 -22.79 -22.45
C GLN A 337 5.69 -21.94 -22.62
N THR A 338 5.87 -21.33 -23.79
CA THR A 338 7.08 -20.53 -24.04
C THR A 338 7.22 -19.37 -23.05
N LEU A 339 6.11 -18.92 -22.47
CA LEU A 339 6.14 -17.80 -21.54
C LEU A 339 6.99 -18.10 -20.29
N PHE A 340 7.08 -19.37 -19.89
CA PHE A 340 7.78 -19.78 -18.68
C PHE A 340 9.16 -20.35 -18.97
N SER A 341 9.52 -20.47 -20.25
CA SER A 341 10.82 -20.96 -20.64
C SER A 341 11.87 -19.85 -20.60
N ALA A 342 12.97 -20.09 -19.86
CA ALA A 342 14.06 -19.12 -19.80
C ALA A 342 14.63 -18.86 -21.20
N SER A 343 14.79 -19.91 -22.01
CA SER A 343 15.08 -19.74 -23.42
C SER A 343 13.98 -18.80 -23.92
N GLU A 344 14.35 -17.58 -24.38
CA GLU A 344 13.37 -16.56 -24.73
C GLU A 344 13.64 -16.11 -26.17
N SER A 345 12.77 -16.55 -27.08
CA SER A 345 12.53 -15.91 -28.36
C SER A 345 11.22 -15.13 -28.37
N ASN A 346 10.65 -14.84 -27.19
CA ASN A 346 9.37 -14.14 -27.09
C ASN A 346 9.65 -12.65 -26.85
N ARG A 347 9.42 -11.85 -27.89
CA ARG A 347 9.44 -10.41 -27.76
C ARG A 347 8.01 -9.95 -27.51
N GLY A 348 7.79 -9.28 -26.37
CA GLY A 348 6.51 -8.66 -26.11
C GLY A 348 5.38 -9.65 -25.89
N LYS A 349 4.25 -9.36 -26.53
CA LYS A 349 3.01 -10.10 -26.32
C LYS A 349 2.98 -11.33 -27.19
N VAL A 350 2.76 -12.49 -26.59
CA VAL A 350 2.54 -13.72 -27.34
C VAL A 350 1.04 -13.91 -27.57
N LEU A 351 0.67 -14.17 -28.82
CA LEU A 351 -0.72 -14.37 -29.25
C LEU A 351 -0.74 -15.55 -30.20
N VAL A 352 -1.94 -16.05 -30.46
CA VAL A 352 -2.14 -17.13 -31.40
C VAL A 352 -3.25 -16.73 -32.34
N ARG A 353 -2.91 -16.61 -33.62
CA ARG A 353 -3.93 -16.45 -34.65
C ARG A 353 -4.53 -17.81 -34.92
N VAL A 354 -5.85 -17.90 -34.78
CA VAL A 354 -6.60 -19.15 -34.94
C VAL A 354 -7.10 -19.31 -36.38
N LEU B 1 26.54 32.85 38.40
CA LEU B 1 25.48 32.81 37.40
C LEU B 1 25.95 32.13 36.11
N GLY B 2 25.18 32.34 35.04
CA GLY B 2 25.43 31.68 33.78
C GLY B 2 25.27 30.18 33.78
N SER B 3 24.81 29.60 34.88
CA SER B 3 24.61 28.17 35.01
C SER B 3 23.38 27.89 35.86
N MET B 4 22.89 26.67 35.75
CA MET B 4 21.77 26.19 36.55
C MET B 4 21.76 24.67 36.52
N LYS B 5 21.19 24.10 37.56
CA LYS B 5 21.10 22.67 37.64
C LYS B 5 19.79 22.16 37.08
N THR B 6 19.85 21.03 36.42
CA THR B 6 18.69 20.40 35.80
C THR B 6 18.67 18.91 36.14
N GLU B 7 17.60 18.24 35.74
CA GLU B 7 17.54 16.78 35.79
C GLU B 7 17.26 16.26 34.38
N ARG B 8 17.78 15.07 34.10
CA ARG B 8 17.66 14.45 32.80
C ARG B 8 17.51 12.95 33.00
N TRP B 9 16.60 12.35 32.22
CA TRP B 9 16.57 10.90 32.10
C TRP B 9 17.40 10.53 30.87
N VAL B 10 18.44 9.72 31.09
CA VAL B 10 19.38 9.42 30.02
C VAL B 10 19.28 7.94 29.69
N VAL B 11 19.67 7.59 28.48
CA VAL B 11 19.56 6.19 28.06
C VAL B 11 20.79 5.46 28.60
N ARG B 12 20.58 4.58 29.56
CA ARG B 12 21.68 3.85 30.17
C ARG B 12 22.01 2.56 29.44
N GLU B 13 21.00 1.92 28.82
CA GLU B 13 21.15 0.60 28.20
C GLU B 13 20.07 0.37 27.15
N HIS B 14 20.43 -0.36 26.09
CA HIS B 14 19.51 -0.76 25.04
C HIS B 14 19.05 -2.18 25.31
N VAL B 15 17.76 -2.33 25.48
CA VAL B 15 17.19 -3.63 25.66
C VAL B 15 16.11 -3.71 24.59
N GLU B 16 16.19 -4.69 23.73
CA GLU B 16 15.22 -4.83 22.66
C GLU B 16 13.94 -5.43 23.16
N GLY B 17 12.85 -5.13 22.47
CA GLY B 17 11.56 -5.66 22.86
C GLY B 17 10.77 -4.78 23.77
N VAL B 18 9.86 -5.40 24.52
CA VAL B 18 9.09 -4.65 25.48
C VAL B 18 10.09 -4.01 26.40
N PRO B 19 9.90 -2.72 26.67
CA PRO B 19 10.92 -2.01 27.45
C PRO B 19 10.93 -2.18 28.94
N ASP B 20 12.09 -2.40 29.52
CA ASP B 20 12.26 -2.42 30.98
C ASP B 20 12.73 -1.02 31.36
N ALA B 21 11.78 -0.17 31.72
CA ALA B 21 12.07 1.26 31.85
C ALA B 21 13.05 1.54 33.00
N ALA B 22 12.91 0.81 34.11
CA ALA B 22 13.78 1.03 35.27
C ALA B 22 15.25 0.77 34.95
N ARG B 23 15.50 -0.25 34.12
CA ARG B 23 16.85 -0.60 33.70
C ARG B 23 17.37 0.30 32.59
N ILE B 24 16.52 0.68 31.63
CA ILE B 24 16.99 1.37 30.45
C ILE B 24 17.41 2.79 30.79
N TYR B 25 16.73 3.43 31.74
CA TYR B 25 16.85 4.86 31.98
C TYR B 25 17.41 5.15 33.36
N GLU B 26 17.88 6.39 33.52
CA GLU B 26 18.65 6.82 34.68
C GLU B 26 18.54 8.33 34.85
N LYS B 27 18.10 8.77 36.05
CA LYS B 27 18.00 10.19 36.38
C LYS B 27 19.36 10.73 36.80
N VAL B 28 19.86 11.73 36.06
CA VAL B 28 21.13 12.38 36.35
C VAL B 28 20.89 13.87 36.53
N GLU B 29 21.61 14.48 37.49
CA GLU B 29 21.73 15.93 37.56
C GLU B 29 22.74 16.40 36.53
N THR B 30 22.44 17.53 35.90
CA THR B 30 23.23 18.04 34.78
C THR B 30 23.28 19.55 34.90
N GLU B 31 24.45 20.11 34.69
CA GLU B 31 24.62 21.55 34.79
C GLU B 31 24.31 22.16 33.44
N LEU B 32 23.57 23.26 33.45
CA LEU B 32 23.09 23.83 32.20
C LEU B 32 23.62 25.25 32.07
N ASN B 33 24.21 25.54 30.92
CA ASN B 33 24.69 26.87 30.62
C ASN B 33 23.52 27.78 30.26
N THR B 34 23.31 28.84 31.05
CA THR B 34 22.21 29.76 30.75
C THR B 34 22.64 30.96 29.93
N ARG B 35 23.85 30.95 29.36
CA ARG B 35 24.25 32.01 28.43
C ARG B 35 23.75 31.68 27.03
N LEU B 36 22.94 32.57 26.46
CA LEU B 36 22.14 32.25 25.29
C LEU B 36 22.63 33.03 24.09
N GLY B 37 22.79 32.35 22.96
CA GLY B 37 22.94 33.06 21.69
C GLY B 37 21.72 33.90 21.38
N GLU B 38 21.90 34.85 20.45
CA GLU B 38 20.82 35.78 20.10
C GLU B 38 19.56 35.05 19.63
N GLU B 39 19.70 33.82 19.18
CA GLU B 39 18.57 33.09 18.69
C GLU B 39 18.16 31.97 19.61
N GLN B 40 18.97 31.73 20.63
CA GLN B 40 18.65 30.66 21.55
C GLN B 40 17.64 31.12 22.59
N MET B 41 17.11 30.13 23.32
CA MET B 41 16.24 30.42 24.43
C MET B 41 16.36 29.28 25.42
N LEU B 42 16.03 29.62 26.65
CA LEU B 42 16.08 28.72 27.79
C LEU B 42 14.65 28.30 28.11
N LEU B 43 14.40 26.99 28.16
CA LEU B 43 13.05 26.46 28.28
C LEU B 43 12.90 25.59 29.51
N LYS B 44 11.74 25.69 30.16
CA LYS B 44 11.35 24.84 31.30
C LYS B 44 10.23 23.89 30.87
N THR B 45 10.41 22.60 31.13
CA THR B 45 9.45 21.59 30.74
C THR B 45 8.22 21.63 31.64
N LEU B 46 7.04 21.74 31.04
CA LEU B 46 5.79 21.76 31.80
C LEU B 46 5.05 20.43 31.75
N TYR B 47 5.00 19.79 30.58
CA TYR B 47 4.49 18.44 30.44
C TYR B 47 5.37 17.67 29.46
N VAL B 48 5.42 16.37 29.65
CA VAL B 48 6.22 15.48 28.84
C VAL B 48 5.31 14.34 28.38
N SER B 49 5.44 13.95 27.11
CA SER B 49 4.69 12.84 26.55
C SER B 49 5.48 11.54 26.71
N VAL B 50 4.77 10.44 26.97
CA VAL B 50 5.31 9.09 26.86
C VAL B 50 4.54 8.39 25.74
N ASP B 51 5.26 7.80 24.79
CA ASP B 51 4.58 7.14 23.69
C ASP B 51 5.27 5.86 23.32
N PRO B 52 4.51 4.87 22.82
CA PRO B 52 5.12 3.58 22.44
C PRO B 52 6.22 3.74 21.42
N TYR B 53 6.13 4.73 20.53
CA TYR B 53 7.18 4.94 19.53
C TYR B 53 8.49 5.44 20.13
N LEU B 54 8.51 5.84 21.41
CA LEU B 54 9.79 6.14 22.06
C LEU B 54 10.66 4.90 22.23
N GLN B 55 10.08 3.70 22.18
CA GLN B 55 10.88 2.48 22.26
C GLN B 55 11.87 2.40 21.10
N GLY B 56 11.46 2.88 19.92
CA GLY B 56 12.37 2.90 18.78
C GLY B 56 13.31 4.09 18.79
N ILE B 57 12.86 5.24 19.29
CA ILE B 57 13.76 6.38 19.45
C ILE B 57 14.89 6.02 20.43
N CYS B 58 14.53 5.32 21.51
CA CYS B 58 15.49 4.93 22.55
C CYS B 58 16.63 4.08 21.98
N LEU B 59 16.29 3.09 21.15
CA LEU B 59 17.32 2.25 20.54
C LEU B 59 18.27 3.07 19.68
N ASP B 60 17.77 4.13 19.03
CA ASP B 60 18.60 5.04 18.24
C ASP B 60 19.32 6.09 19.10
N THR B 61 19.15 6.09 20.42
CA THR B 61 19.70 7.16 21.22
C THR B 61 21.07 6.75 21.75
N PRO B 62 22.13 7.49 21.44
CA PRO B 62 23.45 7.17 22.01
C PRO B 62 23.38 7.02 23.52
N ILE B 63 23.95 5.93 24.02
CA ILE B 63 24.06 5.68 25.46
C ILE B 63 24.60 6.94 26.14
N GLY B 64 23.87 7.46 27.13
CA GLY B 64 24.26 8.66 27.84
C GLY B 64 23.49 9.91 27.44
N ASP B 65 23.02 9.97 26.21
CA ASP B 65 22.15 11.07 25.79
C ASP B 65 20.80 11.00 26.51
N HIS B 66 20.17 12.18 26.67
CA HIS B 66 18.82 12.23 27.22
C HIS B 66 17.80 11.59 26.26
N MET B 67 16.72 11.06 26.83
CA MET B 67 15.64 10.45 26.07
C MET B 67 14.80 11.54 25.40
N GLY B 68 14.75 11.51 24.07
CA GLY B 68 13.85 12.37 23.34
C GLY B 68 12.39 12.05 23.59
N ALA B 69 11.55 13.10 23.49
CA ALA B 69 10.11 12.98 23.66
C ALA B 69 9.41 14.31 23.36
N ASP B 70 8.14 14.24 22.96
CA ASP B 70 7.29 15.42 22.82
C ASP B 70 7.03 16.06 24.18
N SER B 71 7.07 17.39 24.22
CA SER B 71 6.83 18.06 25.49
C SER B 71 6.20 19.43 25.27
N ILE B 72 5.67 19.98 26.36
CA ILE B 72 5.24 21.37 26.42
C ILE B 72 6.21 22.10 27.34
N MET B 73 6.75 23.21 26.85
CA MET B 73 7.80 23.95 27.52
C MET B 73 7.42 25.41 27.56
N GLN B 74 7.98 26.11 28.55
CA GLN B 74 7.80 27.55 28.68
C GLN B 74 9.15 28.27 28.64
N VAL B 75 9.19 29.40 27.91
CA VAL B 75 10.41 30.19 27.75
C VAL B 75 10.73 30.92 29.07
N LEU B 76 11.80 30.48 29.73
CA LEU B 76 12.34 31.25 30.86
C LEU B 76 13.08 32.50 30.38
N ASP B 77 13.89 32.36 29.32
CA ASP B 77 14.77 33.42 28.85
C ASP B 77 14.98 33.27 27.36
N ALA B 78 15.16 34.40 26.66
CA ALA B 78 15.34 34.37 25.21
C ALA B 78 16.31 35.46 24.75
N GLY B 79 17.04 35.17 23.67
CA GLY B 79 17.84 36.15 22.99
C GLY B 79 17.01 37.04 22.08
N PRO B 80 17.52 38.24 21.78
CA PRO B 80 16.74 39.23 21.01
C PRO B 80 16.39 38.77 19.61
N ASN B 81 16.85 37.61 19.20
CA ASN B 81 16.49 37.03 17.91
C ASN B 81 15.81 35.68 18.03
N ALA B 82 15.57 35.19 19.24
CA ALA B 82 14.83 33.96 19.43
C ALA B 82 13.40 34.11 18.89
N PRO B 83 12.83 33.02 18.36
CA PRO B 83 11.47 33.12 17.79
C PRO B 83 10.37 33.36 18.81
N PHE B 84 10.61 33.16 20.10
CA PHE B 84 9.59 33.28 21.14
C PHE B 84 10.14 34.06 22.32
N ARG B 85 9.27 34.89 22.94
CA ARG B 85 9.60 35.77 24.05
C ARG B 85 9.47 35.03 25.37
N PRO B 86 10.05 35.57 26.45
CA PRO B 86 9.83 34.95 27.77
C PRO B 86 8.34 34.88 28.14
N GLY B 87 7.97 33.81 28.83
CA GLY B 87 6.59 33.51 29.12
C GLY B 87 5.86 32.67 28.08
N ASP B 88 6.28 32.74 26.81
CA ASP B 88 5.56 32.03 25.75
C ASP B 88 5.59 30.52 25.98
N LEU B 89 4.49 29.86 25.67
CA LEU B 89 4.41 28.41 25.76
C LEU B 89 4.69 27.82 24.39
N VAL B 90 5.49 26.76 24.34
CA VAL B 90 5.88 26.18 23.06
C VAL B 90 5.81 24.66 23.16
N GLN B 91 5.60 24.03 22.00
CA GLN B 91 5.55 22.58 21.92
C GLN B 91 6.65 22.12 20.95
N GLY B 92 7.45 21.15 21.38
CA GLY B 92 8.50 20.65 20.51
C GLY B 92 9.06 19.39 21.11
N PHE B 93 10.04 18.80 20.43
CA PHE B 93 10.59 17.53 20.89
C PHE B 93 11.67 17.78 21.94
N GLY B 94 11.22 18.27 23.11
CA GLY B 94 12.15 18.73 24.13
C GLY B 94 12.79 17.64 24.97
N GLY B 95 12.13 16.50 25.12
CA GLY B 95 12.73 15.38 25.84
C GLY B 95 12.40 15.34 27.33
N TRP B 96 12.86 14.24 27.94
CA TRP B 96 12.75 13.95 29.37
C TRP B 96 13.85 14.71 30.14
N ARG B 97 13.69 16.03 30.14
CA ARG B 97 14.58 16.96 30.82
C ARG B 97 13.72 18.02 31.50
N THR B 98 14.15 18.49 32.68
CA THR B 98 13.44 19.60 33.34
C THR B 98 13.66 20.92 32.63
N HIS B 99 14.83 21.12 32.02
CA HIS B 99 15.21 22.39 31.38
C HIS B 99 16.09 22.08 30.19
N LEU B 100 16.23 23.07 29.31
CA LEU B 100 17.01 22.90 28.10
C LEU B 100 17.16 24.26 27.44
N VAL B 101 18.17 24.35 26.58
CA VAL B 101 18.43 25.53 25.75
C VAL B 101 18.26 25.11 24.29
N SER B 102 17.58 25.94 23.50
CA SER B 102 17.30 25.55 22.13
C SER B 102 17.02 26.79 21.30
N ASP B 103 17.31 26.70 20.01
CA ASP B 103 16.89 27.74 19.09
C ASP B 103 15.52 27.45 18.46
N GLY B 104 14.96 26.27 18.72
CA GLY B 104 13.63 25.91 18.25
C GLY B 104 13.54 25.62 16.77
N LYS B 105 14.68 25.42 16.10
CA LYS B 105 14.71 25.20 14.66
C LYS B 105 14.54 23.72 14.35
N PRO B 106 14.15 23.37 13.11
CA PRO B 106 14.10 21.96 12.70
C PRO B 106 15.44 21.26 12.84
N LYS B 107 15.43 20.09 13.49
CA LYS B 107 16.64 19.35 13.81
C LYS B 107 16.58 17.93 13.25
N LEU B 108 17.63 17.53 12.55
CA LEU B 108 17.72 16.20 11.97
C LEU B 108 18.08 15.16 13.04
N TRP B 109 17.33 14.05 13.07
CA TRP B 109 17.61 12.92 13.94
C TRP B 109 18.63 12.04 13.23
N GLN B 110 19.90 12.30 13.56
CA GLN B 110 21.03 11.70 12.84
C GLN B 110 21.09 10.19 13.07
N THR B 111 21.00 9.79 14.33
CA THR B 111 21.02 8.37 14.67
C THR B 111 19.72 7.68 14.31
N GLY B 112 18.85 8.35 13.59
CA GLY B 112 17.62 7.71 13.15
C GLY B 112 17.86 6.64 12.12
N THR B 113 17.04 5.60 12.14
CA THR B 113 17.13 4.57 11.10
C THR B 113 16.87 5.19 9.75
N PHE B 114 16.22 6.35 9.72
CA PHE B 114 15.99 7.08 8.47
C PHE B 114 16.19 8.54 8.78
N PRO B 115 16.60 9.34 7.81
CA PRO B 115 16.88 10.74 8.12
C PRO B 115 15.64 11.58 8.43
N MET B 116 15.17 11.53 9.68
CA MET B 116 14.00 12.30 10.09
C MET B 116 14.36 13.68 10.57
N VAL B 117 13.56 14.66 10.24
CA VAL B 117 13.78 16.00 10.75
C VAL B 117 12.70 16.39 11.73
N PHE B 118 13.09 16.60 12.98
CA PHE B 118 12.15 17.04 13.98
C PHE B 118 11.73 18.45 13.64
N PRO B 119 10.46 18.75 13.83
CA PRO B 119 9.97 20.07 13.41
C PRO B 119 10.36 21.16 14.39
N ALA B 120 10.43 22.37 13.84
CA ALA B 120 10.56 23.59 14.62
C ALA B 120 9.51 23.65 15.72
N TYR B 121 9.92 24.13 16.89
CA TYR B 121 8.98 24.37 17.97
C TYR B 121 7.84 25.26 17.50
N ARG B 122 6.64 25.00 18.01
CA ARG B 122 5.49 25.81 17.64
C ARG B 122 4.96 26.53 18.87
N LYS B 123 4.46 27.72 18.66
CA LYS B 123 3.92 28.46 19.75
C LYS B 123 2.52 28.01 20.09
N LEU B 124 2.26 27.88 21.38
CA LEU B 124 0.92 27.53 21.82
C LEU B 124 0.21 28.80 22.27
N ASP B 125 -1.08 28.91 21.93
CA ASP B 125 -1.85 30.11 22.26
C ASP B 125 -2.93 29.76 23.27
N LEU B 126 -2.89 30.44 24.43
CA LEU B 126 -3.80 30.10 25.51
C LEU B 126 -5.26 30.27 25.11
N ARG B 127 -5.57 31.16 24.16
CA ARG B 127 -6.95 31.33 23.74
C ARG B 127 -7.58 30.02 23.27
N HIS B 128 -6.78 29.07 22.73
CA HIS B 128 -7.33 27.83 22.16
C HIS B 128 -7.67 26.77 23.20
N TYR B 129 -7.37 26.99 24.46
CA TYR B 129 -7.50 25.95 25.48
C TYR B 129 -8.53 26.41 26.50
N ASP B 130 -9.18 25.44 27.13
CA ASP B 130 -10.18 25.75 28.15
C ASP B 130 -10.33 24.51 29.03
N ASP B 131 -11.33 24.49 29.90
CA ASP B 131 -11.48 23.36 30.81
C ASP B 131 -11.90 22.09 30.08
N ALA B 132 -12.49 22.19 28.89
CA ALA B 132 -12.76 21.00 28.07
C ALA B 132 -11.59 20.60 27.19
N LEU B 133 -10.71 21.53 26.85
CA LEU B 133 -9.56 21.27 25.97
C LEU B 133 -8.35 21.93 26.62
N PRO B 134 -7.84 21.35 27.71
CA PRO B 134 -6.78 22.03 28.46
C PRO B 134 -5.45 22.02 27.71
N LEU B 135 -4.50 22.77 28.30
CA LEU B 135 -3.20 22.99 27.67
C LEU B 135 -2.51 21.67 27.35
N SER B 136 -2.64 20.69 28.24
CA SER B 136 -2.03 19.38 28.04
C SER B 136 -2.44 18.72 26.72
N THR B 137 -3.63 19.04 26.18
CA THR B 137 -4.07 18.49 24.89
C THR B 137 -3.15 18.87 23.73
N ALA B 138 -2.30 19.88 23.90
CA ALA B 138 -1.27 20.15 22.90
C ALA B 138 -0.28 19.00 22.73
N LEU B 139 -0.25 18.05 23.67
CA LEU B 139 0.43 16.76 23.44
C LEU B 139 -0.53 15.64 23.03
N GLY B 140 -1.82 15.95 22.85
CA GLY B 140 -2.79 14.90 22.56
C GLY B 140 -3.68 15.17 21.36
N VAL B 141 -4.96 15.40 21.63
CA VAL B 141 -5.92 15.61 20.56
C VAL B 141 -5.63 16.93 19.82
N MET B 142 -4.96 17.88 20.48
CA MET B 142 -4.50 19.12 19.83
C MET B 142 -3.00 19.13 19.58
N GLY B 143 -2.35 17.96 19.57
CA GLY B 143 -0.96 17.85 19.18
C GLY B 143 -0.77 16.77 18.14
N GLY B 144 0.38 16.09 18.22
CA GLY B 144 0.74 15.06 17.27
C GLY B 144 -0.33 14.00 17.06
N PRO B 145 -0.84 13.41 18.16
CA PRO B 145 -1.84 12.34 17.98
C PRO B 145 -3.12 12.80 17.28
N GLY B 146 -3.70 13.94 17.68
CA GLY B 146 -4.82 14.49 16.94
C GLY B 146 -4.51 14.77 15.47
N MET B 147 -3.32 15.32 15.20
CA MET B 147 -2.96 15.63 13.83
C MET B 147 -2.90 14.38 12.98
N THR B 148 -2.42 13.28 13.57
CA THR B 148 -2.32 12.01 12.85
C THR B 148 -3.71 11.50 12.49
N ALA B 149 -4.61 11.45 13.47
CA ALA B 149 -5.97 10.98 13.24
C ALA B 149 -6.73 11.92 12.30
N TRP B 150 -6.75 13.22 12.60
CA TRP B 150 -7.46 14.17 11.73
C TRP B 150 -6.84 14.24 10.33
N GLY B 151 -5.50 14.20 10.25
CA GLY B 151 -4.87 14.28 8.94
C GLY B 151 -5.20 13.08 8.06
N THR B 152 -5.11 11.87 8.63
CA THR B 152 -5.46 10.67 7.88
C THR B 152 -6.92 10.70 7.41
N MET B 153 -7.85 11.13 8.30
CA MET B 153 -9.27 11.08 7.91
C MET B 153 -9.70 12.22 6.99
N THR B 154 -8.93 13.32 6.87
CA THR B 154 -9.33 14.38 5.95
C THR B 154 -8.43 14.48 4.73
N LYS B 155 -7.25 13.88 4.76
CA LYS B 155 -6.32 14.02 3.65
C LYS B 155 -6.10 12.70 2.91
N PHE B 156 -6.56 11.57 3.45
CA PHE B 156 -6.38 10.32 2.75
C PHE B 156 -7.63 9.45 2.77
N MET B 157 -8.11 9.13 3.96
CA MET B 157 -9.20 8.18 4.07
C MET B 157 -10.51 8.90 3.78
N GLN B 158 -11.35 8.28 2.93
CA GLN B 158 -12.66 8.84 2.56
C GLN B 158 -13.72 7.83 2.99
N VAL B 159 -14.10 7.90 4.27
CA VAL B 159 -15.12 7.01 4.81
C VAL B 159 -16.49 7.44 4.28
N ARG B 160 -17.27 6.47 3.81
CA ARG B 160 -18.59 6.73 3.28
C ARG B 160 -19.62 6.01 4.14
N PRO B 161 -20.83 6.55 4.25
CA PRO B 161 -21.89 5.84 4.99
C PRO B 161 -22.02 4.40 4.52
N GLY B 162 -21.95 3.46 5.47
CA GLY B 162 -22.02 2.04 5.16
C GLY B 162 -20.70 1.30 5.12
N ASP B 163 -19.57 2.01 5.01
CA ASP B 163 -18.28 1.33 5.07
C ASP B 163 -18.12 0.56 6.38
N THR B 164 -17.32 -0.49 6.35
CA THR B 164 -16.79 -1.10 7.56
C THR B 164 -15.33 -0.67 7.75
N VAL B 165 -15.02 -0.11 8.92
CA VAL B 165 -13.71 0.43 9.23
C VAL B 165 -13.11 -0.38 10.37
N VAL B 166 -11.92 -0.90 10.17
CA VAL B 166 -11.19 -1.62 11.21
C VAL B 166 -10.08 -0.71 11.70
N VAL B 167 -9.94 -0.60 13.02
CA VAL B 167 -8.93 0.24 13.66
C VAL B 167 -8.14 -0.67 14.60
N SER B 168 -6.89 -0.93 14.22
CA SER B 168 -5.91 -1.65 15.05
C SER B 168 -5.45 -0.77 16.19
N GLY B 169 -5.11 -1.39 17.33
CA GLY B 169 -4.64 -0.60 18.46
C GLY B 169 -5.65 0.47 18.87
N ALA B 170 -6.93 0.10 18.89
CA ALA B 170 -8.01 1.07 18.92
C ALA B 170 -8.10 1.81 20.26
N SER B 171 -7.48 1.31 21.33
CA SER B 171 -7.57 1.94 22.66
C SER B 171 -6.55 3.06 22.89
N GLY B 172 -5.51 3.18 22.06
CA GLY B 172 -4.66 4.35 22.12
C GLY B 172 -5.39 5.57 21.62
N MET B 173 -4.83 6.75 21.92
CA MET B 173 -5.54 7.96 21.55
C MET B 173 -5.81 8.03 20.05
N ILE B 174 -4.78 7.79 19.23
CA ILE B 174 -4.94 7.92 17.78
C ILE B 174 -6.09 7.04 17.28
N GLY B 175 -6.14 5.79 17.75
CA GLY B 175 -7.15 4.84 17.27
C GLY B 175 -8.56 5.17 17.72
N THR B 176 -8.72 5.74 18.92
CA THR B 176 -10.09 6.09 19.34
C THR B 176 -10.57 7.32 18.60
N LEU B 177 -9.66 8.26 18.30
CA LEU B 177 -10.03 9.42 17.49
C LEU B 177 -10.50 8.97 16.13
N VAL B 178 -9.71 8.12 15.48
CA VAL B 178 -10.05 7.63 14.15
C VAL B 178 -11.39 6.90 14.18
N GLY B 179 -11.56 6.00 15.16
CA GLY B 179 -12.81 5.27 15.26
C GLY B 179 -14.02 6.18 15.38
N GLN B 180 -13.95 7.19 16.24
CA GLN B 180 -15.08 8.09 16.41
C GLN B 180 -15.30 8.93 15.17
N MET B 181 -14.24 9.27 14.48
CA MET B 181 -14.43 10.01 13.26
C MET B 181 -15.05 9.13 12.18
N ALA B 182 -14.67 7.86 12.15
CA ALA B 182 -15.25 6.96 11.15
C ALA B 182 -16.73 6.75 11.44
N LYS B 183 -17.10 6.68 12.70
CA LYS B 183 -18.50 6.55 13.08
C LYS B 183 -19.30 7.78 12.66
N ARG B 184 -18.83 8.97 13.00
CA ARG B 184 -19.49 10.16 12.53
C ARG B 184 -19.67 10.15 11.02
N ALA B 185 -18.68 9.63 10.28
CA ALA B 185 -18.82 9.57 8.84
C ALA B 185 -19.78 8.45 8.38
N GLY B 186 -20.40 7.72 9.30
CA GLY B 186 -21.41 6.75 8.97
C GLY B 186 -20.90 5.33 8.79
N ALA B 187 -19.73 5.01 9.32
CA ALA B 187 -19.20 3.66 9.18
C ALA B 187 -19.60 2.78 10.36
N ARG B 188 -19.64 1.49 10.09
CA ARG B 188 -19.50 0.49 11.13
C ARG B 188 -18.02 0.33 11.48
N VAL B 189 -17.67 0.46 12.76
CA VAL B 189 -16.27 0.52 13.20
C VAL B 189 -15.95 -0.68 14.08
N VAL B 190 -14.87 -1.39 13.72
CA VAL B 190 -14.36 -2.55 14.46
C VAL B 190 -12.98 -2.19 15.06
N GLY B 191 -12.81 -2.44 16.35
CA GLY B 191 -11.55 -2.20 17.03
C GLY B 191 -10.92 -3.49 17.56
N THR B 192 -9.65 -3.40 17.91
CA THR B 192 -8.97 -4.51 18.55
C THR B 192 -8.45 -4.06 19.90
N ALA B 193 -8.43 -4.97 20.87
CA ALA B 193 -8.02 -4.64 22.22
C ALA B 193 -7.34 -5.83 22.88
N GLY B 194 -6.66 -5.56 24.00
CA GLY B 194 -5.91 -6.55 24.76
C GLY B 194 -6.63 -7.18 25.93
N SER B 195 -7.43 -6.41 26.65
CA SER B 195 -8.17 -6.91 27.81
C SER B 195 -9.66 -6.79 27.54
N ALA B 196 -10.44 -7.20 28.54
CA ALA B 196 -11.88 -6.97 28.50
C ALA B 196 -12.25 -5.56 28.99
N GLY B 197 -11.46 -4.98 29.90
CA GLY B 197 -11.66 -3.58 30.23
C GLY B 197 -11.29 -2.67 29.07
N LYS B 198 -10.20 -2.99 28.38
CA LYS B 198 -9.84 -2.28 27.15
C LYS B 198 -10.94 -2.38 26.11
N ALA B 199 -11.43 -3.61 25.86
CA ALA B 199 -12.54 -3.79 24.92
C ALA B 199 -13.80 -3.11 25.42
N ARG B 200 -14.00 -3.08 26.71
CA ARG B 200 -15.17 -2.40 27.25
C ARG B 200 -15.04 -0.93 27.00
N TYR B 201 -13.87 -0.39 27.29
CA TYR B 201 -13.63 1.02 27.02
C TYR B 201 -14.01 1.37 25.59
N LEU B 202 -13.51 0.62 24.61
CA LEU B 202 -13.82 0.84 23.20
C LEU B 202 -15.32 0.75 22.92
N SER B 203 -16.00 -0.20 23.56
CA SER B 203 -17.44 -0.30 23.38
C SER B 203 -18.15 0.93 23.95
N GLN B 204 -17.73 1.38 25.14
CA GLN B 204 -18.28 2.61 25.68
C GLN B 204 -18.12 3.77 24.70
N LEU B 205 -17.01 3.79 23.97
CA LEU B 205 -16.77 4.86 23.01
C LEU B 205 -17.52 4.70 21.68
N GLY B 206 -18.30 3.63 21.48
CA GLY B 206 -19.13 3.53 20.29
C GLY B 206 -18.69 2.54 19.22
N PHE B 207 -17.52 1.89 19.38
CA PHE B 207 -17.10 0.82 18.49
C PHE B 207 -18.17 -0.28 18.42
N ASP B 208 -18.59 -0.62 17.21
CA ASP B 208 -19.66 -1.62 17.06
C ASP B 208 -19.20 -3.01 17.47
N ALA B 209 -17.95 -3.35 17.20
CA ALA B 209 -17.41 -4.64 17.59
C ALA B 209 -15.97 -4.42 18.06
N VAL B 210 -15.52 -5.28 18.98
CA VAL B 210 -14.11 -5.29 19.41
C VAL B 210 -13.62 -6.71 19.38
N ILE B 211 -12.42 -6.90 18.85
CA ILE B 211 -11.79 -8.21 18.73
C ILE B 211 -10.64 -8.26 19.71
N ASP B 212 -10.52 -9.40 20.40
CA ASP B 212 -9.49 -9.59 21.41
C ASP B 212 -8.35 -10.40 20.78
N TYR B 213 -7.20 -9.79 20.67
CA TYR B 213 -6.06 -10.49 20.12
C TYR B 213 -5.30 -11.20 21.23
N LYS B 214 -5.60 -10.84 22.47
CA LYS B 214 -4.93 -11.46 23.58
C LYS B 214 -5.10 -12.94 23.47
N LEU B 215 -6.27 -13.36 23.03
CA LEU B 215 -6.52 -14.79 22.86
C LEU B 215 -6.30 -15.22 21.43
N ALA B 216 -5.93 -14.29 20.58
CA ALA B 216 -5.80 -14.64 19.18
C ALA B 216 -4.44 -14.31 18.59
N ASP B 217 -3.68 -15.35 18.25
CA ASP B 217 -2.40 -15.16 17.62
C ASP B 217 -2.41 -15.99 16.39
N ASP B 218 -3.16 -17.09 16.43
CA ASP B 218 -3.30 -17.90 15.27
C ASP B 218 -4.04 -17.04 14.31
N ALA B 219 -3.46 -16.69 13.17
CA ALA B 219 -4.28 -15.84 12.33
C ALA B 219 -5.55 -16.50 11.83
N ASP B 220 -5.80 -17.77 12.17
CA ASP B 220 -7.05 -18.38 11.76
C ASP B 220 -8.16 -18.10 12.77
N LYS B 221 -7.83 -18.11 14.08
CA LYS B 221 -8.77 -17.59 15.07
C LYS B 221 -9.01 -16.09 14.84
N MET B 222 -7.95 -15.37 14.49
CA MET B 222 -8.05 -13.95 14.17
C MET B 222 -8.93 -13.71 12.94
N ARG B 223 -8.67 -14.43 11.85
CA ARG B 223 -9.44 -14.21 10.63
C ARG B 223 -10.92 -14.50 10.86
N GLU B 224 -11.23 -15.51 11.67
CA GLU B 224 -12.63 -15.85 11.92
C GLU B 224 -13.29 -14.81 12.83
N ALA B 225 -12.59 -14.37 13.87
CA ALA B 225 -13.06 -13.26 14.70
C ALA B 225 -13.35 -12.03 13.85
N LEU B 226 -12.40 -11.68 12.97
CA LEU B 226 -12.59 -10.56 12.05
C LEU B 226 -13.73 -10.81 11.08
N ARG B 227 -13.86 -12.05 10.59
CA ARG B 227 -14.94 -12.35 9.67
C ARG B 227 -16.30 -12.17 10.33
N GLU B 228 -16.42 -12.55 11.62
CA GLU B 228 -17.68 -12.31 12.35
C GLU B 228 -17.92 -10.82 12.60
N ALA B 229 -16.87 -10.07 12.98
CA ALA B 229 -17.08 -8.66 13.28
C ALA B 229 -17.36 -7.84 12.02
N ALA B 230 -16.86 -8.27 10.86
CA ALA B 230 -17.00 -7.55 9.60
C ALA B 230 -17.49 -8.51 8.54
N PRO B 231 -18.76 -8.91 8.59
CA PRO B 231 -19.24 -9.95 7.68
C PRO B 231 -19.29 -9.51 6.22
N ASP B 232 -19.24 -8.21 5.94
CA ASP B 232 -19.22 -7.73 4.56
C ASP B 232 -17.83 -7.24 4.10
N GLY B 233 -16.76 -7.76 4.69
CA GLY B 233 -15.43 -7.34 4.29
C GLY B 233 -15.07 -5.99 4.87
N VAL B 234 -13.81 -5.59 4.65
CA VAL B 234 -13.24 -4.38 5.23
C VAL B 234 -13.07 -3.34 4.12
N ASP B 235 -13.57 -2.14 4.36
CA ASP B 235 -13.43 -1.02 3.43
C ASP B 235 -12.27 -0.10 3.80
N LYS B 236 -12.02 0.12 5.10
CA LYS B 236 -10.91 0.98 5.53
C LYS B 236 -10.24 0.34 6.72
N TYR B 237 -8.92 0.41 6.74
CA TYR B 237 -8.12 -0.14 7.82
C TYR B 237 -7.12 0.90 8.27
N PHE B 238 -7.20 1.31 9.52
CA PHE B 238 -6.22 2.18 10.11
C PHE B 238 -5.34 1.33 11.04
N ASP B 239 -4.08 1.09 10.65
CA ASP B 239 -3.24 0.06 11.25
C ASP B 239 -2.16 0.71 12.12
N SER B 240 -2.20 0.40 13.42
CA SER B 240 -1.11 0.71 14.33
C SER B 240 -0.41 -0.54 14.86
N ILE B 241 -0.84 -1.75 14.50
CA ILE B 241 -0.40 -2.98 15.15
C ILE B 241 0.35 -3.89 14.20
N GLY B 242 -0.12 -4.05 12.98
CA GLY B 242 0.54 -5.00 12.09
C GLY B 242 0.25 -6.40 12.58
N GLY B 243 1.23 -7.31 12.38
CA GLY B 243 1.09 -8.66 12.91
C GLY B 243 -0.04 -9.40 12.22
N SER B 244 -0.55 -10.42 12.91
CA SER B 244 -1.56 -11.29 12.32
C SER B 244 -2.94 -10.64 12.21
N VAL B 245 -3.19 -9.55 12.97
CA VAL B 245 -4.40 -8.77 12.73
C VAL B 245 -4.39 -8.20 11.33
N THR B 246 -3.30 -7.51 10.97
CA THR B 246 -3.13 -6.95 9.63
C THR B 246 -3.20 -8.03 8.54
N ASP B 247 -2.54 -9.16 8.77
CA ASP B 247 -2.62 -10.27 7.82
C ASP B 247 -4.07 -10.69 7.58
N ALA B 248 -4.84 -10.81 8.68
CA ALA B 248 -6.25 -11.16 8.58
C ALA B 248 -7.02 -10.10 7.81
N VAL B 249 -6.82 -8.81 8.13
CA VAL B 249 -7.58 -7.75 7.46
C VAL B 249 -7.31 -7.77 5.98
N PHE B 250 -6.05 -8.02 5.59
CA PHE B 250 -5.74 -7.99 4.16
C PHE B 250 -6.43 -9.09 3.39
N SER B 251 -6.76 -10.22 4.04
CA SER B 251 -7.51 -11.27 3.37
C SER B 251 -8.98 -10.92 3.16
N MET B 252 -9.49 -9.83 3.72
CA MET B 252 -10.90 -9.50 3.52
C MET B 252 -11.09 -8.06 3.04
N LEU B 253 -10.14 -7.51 2.29
CA LEU B 253 -10.30 -6.16 1.76
C LEU B 253 -11.34 -6.14 0.64
N ASN B 254 -12.25 -5.17 0.68
CA ASN B 254 -13.24 -4.91 -0.36
C ASN B 254 -12.64 -4.07 -1.48
N VAL B 255 -13.35 -4.02 -2.61
CA VAL B 255 -12.95 -3.19 -3.74
C VAL B 255 -12.92 -1.70 -3.34
N GLY B 256 -11.91 -0.97 -3.82
CA GLY B 256 -11.72 0.43 -3.46
C GLY B 256 -11.29 0.70 -2.03
N SER B 257 -10.86 -0.32 -1.28
CA SER B 257 -10.49 -0.12 0.11
C SER B 257 -9.20 0.69 0.25
N GLN B 258 -9.03 1.26 1.45
CA GLN B 258 -7.89 2.10 1.80
C GLN B 258 -7.30 1.64 3.13
N VAL B 259 -5.99 1.53 3.17
CA VAL B 259 -5.25 1.13 4.35
C VAL B 259 -4.31 2.28 4.72
N ALA B 260 -4.40 2.75 5.95
CA ALA B 260 -3.46 3.72 6.49
C ALA B 260 -2.53 2.99 7.46
N VAL B 261 -1.23 3.05 7.21
CA VAL B 261 -0.23 2.35 8.01
C VAL B 261 0.47 3.39 8.88
N CYS B 262 0.10 3.43 10.15
CA CYS B 262 0.57 4.48 11.03
C CYS B 262 1.67 4.01 11.99
N TRP B 263 1.64 2.75 12.40
CA TRP B 263 2.74 2.19 13.17
C TRP B 263 2.59 0.67 13.06
N GLN B 264 3.52 -0.05 13.66
CA GLN B 264 3.49 -1.50 13.62
C GLN B 264 4.00 -2.02 14.96
N TRP B 265 3.18 -1.84 16.01
CA TRP B 265 3.50 -2.37 17.33
C TRP B 265 4.07 -3.79 17.26
N ALA B 266 3.43 -4.68 16.47
CA ALA B 266 3.90 -6.07 16.43
C ALA B 266 5.30 -6.18 15.83
N THR B 267 5.64 -5.31 14.87
CA THR B 267 7.00 -5.35 14.32
C THR B 267 8.00 -4.67 15.26
N GLN B 268 7.66 -3.47 15.73
CA GLN B 268 8.65 -2.68 16.44
C GLN B 268 8.89 -3.19 17.86
N VAL B 269 7.82 -3.55 18.57
CA VAL B 269 7.89 -3.98 19.97
C VAL B 269 8.06 -5.50 20.08
N GLN B 270 7.10 -6.25 19.54
CA GLN B 270 7.15 -7.71 19.60
C GLN B 270 8.07 -8.33 18.53
N ARG B 271 8.65 -7.53 17.64
CA ARG B 271 9.64 -8.00 16.66
C ARG B 271 9.08 -9.06 15.69
N ASP B 272 7.85 -8.85 15.23
CA ASP B 272 7.22 -9.69 14.20
C ASP B 272 7.63 -9.12 12.84
N TYR B 273 8.80 -9.54 12.36
CA TYR B 273 9.38 -9.00 11.13
C TYR B 273 9.01 -9.79 9.87
N HIS B 274 8.57 -11.04 10.03
CA HIS B 274 8.22 -11.89 8.90
C HIS B 274 6.76 -12.28 8.99
N GLY B 275 6.15 -12.50 7.83
CA GLY B 275 4.76 -12.87 7.73
C GLY B 275 4.35 -13.22 6.30
N PRO B 276 3.10 -13.66 6.14
CA PRO B 276 2.61 -13.96 4.78
C PRO B 276 2.67 -12.74 3.87
N ARG B 277 2.82 -12.98 2.57
CA ARG B 277 2.88 -11.87 1.62
C ARG B 277 1.51 -11.21 1.53
N LEU B 278 1.44 -9.91 1.76
CA LEU B 278 0.17 -9.23 1.71
C LEU B 278 -0.11 -8.59 0.35
N LEU B 279 0.93 -8.25 -0.42
CA LEU B 279 0.69 -7.55 -1.68
C LEU B 279 -0.19 -8.33 -2.67
N PRO B 280 -0.16 -9.66 -2.76
CA PRO B 280 -1.10 -10.34 -3.68
C PRO B 280 -2.58 -10.05 -3.38
N TYR B 281 -2.88 -9.71 -2.14
CA TYR B 281 -4.25 -9.43 -1.73
C TYR B 281 -4.76 -8.06 -2.18
N ILE B 282 -3.89 -7.14 -2.61
CA ILE B 282 -4.37 -5.80 -2.92
C ILE B 282 -4.70 -5.62 -4.40
N MET B 283 -4.37 -6.58 -5.25
CA MET B 283 -4.56 -6.40 -6.69
C MET B 283 -6.04 -6.34 -7.05
N PHE B 284 -6.77 -7.43 -6.87
CA PHE B 284 -8.17 -7.42 -7.27
C PHE B 284 -9.00 -6.34 -6.58
N PRO B 285 -8.88 -6.10 -5.26
CA PRO B 285 -9.62 -4.99 -4.65
C PRO B 285 -9.15 -3.60 -5.06
N ARG B 286 -8.08 -3.48 -5.82
CA ARG B 286 -7.52 -2.16 -6.13
C ARG B 286 -7.36 -1.34 -4.87
N ALA B 287 -6.91 -1.99 -3.81
CA ALA B 287 -6.68 -1.34 -2.53
C ALA B 287 -5.55 -0.32 -2.64
N THR B 288 -5.67 0.74 -1.84
CA THR B 288 -4.64 1.77 -1.73
C THR B 288 -4.10 1.76 -0.30
N ILE B 289 -2.79 1.55 -0.18
CA ILE B 289 -2.12 1.53 1.12
C ILE B 289 -1.22 2.77 1.21
N ARG B 290 -1.31 3.48 2.31
CA ARG B 290 -0.46 4.63 2.50
C ARG B 290 0.25 4.73 3.81
N GLY B 291 1.57 4.85 3.76
CA GLY B 291 2.31 5.12 4.98
C GLY B 291 1.92 6.48 5.55
N ILE B 292 1.68 6.54 6.85
CA ILE B 292 1.31 7.78 7.54
C ILE B 292 2.53 8.24 8.35
N PHE B 293 2.96 9.47 8.17
CA PHE B 293 4.05 10.06 8.99
C PHE B 293 3.66 11.51 9.21
N SER B 294 2.99 11.77 10.34
CA SER B 294 2.20 13.00 10.45
C SER B 294 3.03 14.26 10.59
N LEU B 295 4.35 14.16 10.79
CA LEU B 295 5.22 15.34 10.83
C LEU B 295 5.05 16.20 9.57
N GLU B 296 4.84 15.56 8.42
CA GLU B 296 4.62 16.29 7.18
C GLU B 296 3.41 17.21 7.24
N TRP B 297 2.53 17.05 8.23
CA TRP B 297 1.33 17.89 8.32
C TRP B 297 1.47 18.99 9.37
N PHE B 298 2.59 19.03 10.08
CA PHE B 298 2.84 20.10 11.06
C PHE B 298 3.04 21.40 10.31
N THR B 299 1.93 22.04 9.95
CA THR B 299 1.94 23.36 9.35
C THR B 299 0.95 24.23 10.10
N GLU B 300 1.21 25.53 10.06
CA GLU B 300 0.36 26.50 10.74
C GLU B 300 -1.09 26.38 10.28
N GLN B 301 -1.31 26.16 8.98
CA GLN B 301 -2.67 26.05 8.48
C GLN B 301 -3.35 24.80 9.00
N ASN B 302 -2.63 23.67 9.05
CA ASN B 302 -3.21 22.44 9.58
C ASN B 302 -3.50 22.58 11.07
N TRP B 303 -2.56 23.15 11.84
CA TRP B 303 -2.81 23.38 13.26
C TRP B 303 -4.07 24.23 13.46
N SER B 304 -4.19 25.31 12.70
CA SER B 304 -5.38 26.14 12.83
C SER B 304 -6.65 25.35 12.46
N ALA B 305 -6.58 24.51 11.41
CA ALA B 305 -7.75 23.73 11.04
C ALA B 305 -8.03 22.62 12.06
N LEU B 306 -6.97 22.05 12.64
CA LEU B 306 -7.13 21.04 13.70
C LEU B 306 -7.90 21.61 14.88
N HIS B 307 -7.53 22.82 15.33
CA HIS B 307 -8.23 23.44 16.45
C HIS B 307 -9.67 23.77 16.09
N GLU B 308 -9.92 24.21 14.86
CA GLU B 308 -11.28 24.53 14.48
C GLU B 308 -12.14 23.28 14.43
N GLU B 309 -11.76 22.30 13.60
CA GLU B 309 -12.65 21.16 13.35
C GLU B 309 -12.63 20.19 14.52
N LEU B 310 -11.46 19.66 14.87
CA LEU B 310 -11.41 18.65 15.92
C LEU B 310 -11.68 19.26 17.29
N GLY B 311 -11.09 20.45 17.57
CA GLY B 311 -11.32 21.11 18.84
C GLY B 311 -12.79 21.42 19.11
N GLY B 312 -13.49 21.92 18.08
CA GLY B 312 -14.93 22.16 18.25
C GLY B 312 -15.71 20.90 18.57
N LEU B 313 -15.42 19.80 17.87
CA LEU B 313 -16.06 18.51 18.17
C LEU B 313 -15.83 18.11 19.62
N VAL B 314 -14.60 18.27 20.12
CA VAL B 314 -14.30 17.94 21.52
C VAL B 314 -15.07 18.83 22.47
N ARG B 315 -15.11 20.14 22.20
CA ARG B 315 -15.80 21.05 23.12
C ARG B 315 -17.30 20.76 23.15
N ARG B 316 -17.87 20.36 22.04
CA ARG B 316 -19.29 20.09 22.00
C ARG B 316 -19.66 18.70 22.49
N GLN B 317 -18.76 18.04 23.19
CA GLN B 317 -19.01 16.70 23.70
C GLN B 317 -19.38 15.70 22.61
N GLU B 318 -18.88 15.89 21.40
CA GLU B 318 -19.12 14.99 20.28
C GLU B 318 -17.96 14.04 19.95
N LEU B 319 -16.80 14.33 20.52
CA LEU B 319 -15.65 13.48 20.37
C LEU B 319 -15.08 13.43 21.76
N VAL B 320 -14.67 12.24 22.18
CA VAL B 320 -14.10 12.08 23.50
C VAL B 320 -12.62 11.87 23.39
N ALA B 321 -11.85 12.74 24.03
CA ALA B 321 -10.42 12.59 24.04
C ALA B 321 -9.93 12.49 25.45
N HIS B 322 -9.61 11.29 25.89
CA HIS B 322 -9.21 11.12 27.27
C HIS B 322 -7.73 11.27 27.53
N GLU B 323 -7.38 11.71 28.71
CA GLU B 323 -5.98 11.83 29.05
C GLU B 323 -5.66 11.32 30.43
N THR B 324 -4.54 10.64 30.56
CA THR B 324 -4.10 10.17 31.87
C THR B 324 -2.80 10.89 32.23
N VAL B 325 -2.88 11.84 33.16
CA VAL B 325 -1.73 12.69 33.51
C VAL B 325 -1.11 12.20 34.82
N GLN B 326 0.05 11.58 34.73
CA GLN B 326 0.85 11.31 35.91
C GLN B 326 1.63 12.56 36.32
N ASP B 327 1.90 12.68 37.62
CA ASP B 327 2.63 13.82 38.15
C ASP B 327 4.02 13.42 38.61
N GLY B 328 4.96 14.34 38.42
CA GLY B 328 6.30 14.16 38.94
C GLY B 328 7.30 13.74 37.89
N PHE B 329 8.35 14.54 37.73
CA PHE B 329 9.41 14.25 36.77
C PHE B 329 10.08 12.90 37.06
N GLU B 330 10.11 12.48 38.33
CA GLU B 330 10.75 11.22 38.70
C GLU B 330 9.92 10.00 38.29
N HIS B 331 8.66 10.16 37.89
CA HIS B 331 7.82 9.03 37.51
C HIS B 331 7.70 8.85 36.00
N ILE B 332 8.46 9.61 35.20
CA ILE B 332 8.35 9.51 33.74
C ILE B 332 8.59 8.09 33.24
N PRO B 333 9.72 7.42 33.54
CA PRO B 333 9.89 6.05 33.06
C PRO B 333 8.86 5.07 33.65
N ALA B 334 8.33 5.36 34.85
CA ALA B 334 7.22 4.55 35.36
C ALA B 334 5.96 4.73 34.53
N ALA B 335 5.65 5.97 34.15
CA ALA B 335 4.47 6.23 33.32
C ALA B 335 4.65 5.64 31.94
N TYR B 336 5.86 5.73 31.39
CA TYR B 336 6.16 5.08 30.12
C TYR B 336 5.96 3.57 30.19
N GLN B 337 6.39 2.93 31.29
CA GLN B 337 6.25 1.48 31.45
C GLN B 337 4.80 0.99 31.39
N THR B 338 3.83 1.81 31.85
CA THR B 338 2.43 1.36 31.83
C THR B 338 1.90 1.19 30.41
N LEU B 339 2.48 1.90 29.43
CA LEU B 339 2.09 1.70 28.03
C LEU B 339 2.24 0.24 27.61
N PHE B 340 3.28 -0.41 28.08
CA PHE B 340 3.57 -1.74 27.58
C PHE B 340 3.17 -2.84 28.50
N SER B 341 2.51 -2.49 29.58
CA SER B 341 2.13 -3.47 30.53
C SER B 341 0.76 -3.91 30.27
N ALA B 342 0.42 -5.09 30.75
CA ALA B 342 -0.93 -5.54 30.64
C ALA B 342 -1.52 -4.93 31.87
N SER B 343 -2.61 -5.47 32.39
CA SER B 343 -3.09 -4.93 33.64
C SER B 343 -3.04 -3.45 33.45
N GLU B 344 -3.50 -2.98 32.31
CA GLU B 344 -3.35 -1.56 32.03
C GLU B 344 -4.64 -0.79 32.08
N SER B 345 -4.79 0.04 33.10
CA SER B 345 -5.96 0.87 33.18
C SER B 345 -5.65 2.23 32.59
N ASN B 346 -5.15 2.25 31.35
CA ASN B 346 -4.86 3.53 30.70
C ASN B 346 -5.94 3.94 29.72
N ARG B 347 -6.30 5.20 29.76
CA ARG B 347 -7.31 5.76 28.88
C ARG B 347 -6.69 6.92 28.10
N GLY B 348 -6.65 6.81 26.78
CA GLY B 348 -6.14 7.84 25.90
C GLY B 348 -4.68 8.19 26.17
N LYS B 349 -4.36 9.47 25.95
CA LYS B 349 -2.97 9.92 25.98
C LYS B 349 -2.39 9.84 27.40
N VAL B 350 -1.26 9.18 27.53
CA VAL B 350 -0.51 9.20 28.78
C VAL B 350 0.53 10.33 28.71
N LEU B 351 0.57 11.15 29.76
CA LEU B 351 1.42 12.33 29.89
C LEU B 351 1.95 12.40 31.31
N VAL B 352 3.04 13.13 31.49
CA VAL B 352 3.54 13.47 32.82
C VAL B 352 3.55 14.99 32.96
N ARG B 353 2.92 15.48 34.02
CA ARG B 353 3.00 16.89 34.39
C ARG B 353 4.16 17.08 35.37
N VAL B 354 5.16 17.87 34.98
CA VAL B 354 6.35 17.99 35.82
C VAL B 354 6.33 19.28 36.61
#